data_7CZ5
#
_entry.id   7CZ5
#
_cell.length_a   1.00
_cell.length_b   1.00
_cell.length_c   1.00
_cell.angle_alpha   90.00
_cell.angle_beta   90.00
_cell.angle_gamma   90.00
#
_symmetry.space_group_name_H-M   'P 1'
#
loop_
_entity.id
_entity.type
_entity.pdbx_description
1 polymer 'Growth hormone-releasing hormone receptor,growth hormone-releasing hormone receptor'
2 polymer 'Guanine nucleotide-binding protein G(s) subunit alpha isoforms short'
3 polymer Somatoliberin
4 polymer 'Guanine nucleotide-binding protein G(I)/G(S)/G(T) subunit beta-1'
5 polymer 'Guanine nucleotide-binding protein G(I)/G(S)/G(O) subunit gamma-2'
6 polymer Nanobody35
7 non-polymer 'PALMITIC ACID'
8 non-polymer CHOLESTEROL
9 water water
#
loop_
_entity_poly.entity_id
_entity_poly.type
_entity_poly.pdbx_seq_one_letter_code
_entity_poly.pdbx_strand_id
1 'polypeptide(L)'
;HMHPECDFITQLREDESACLQAAEEMPNTTLGCPATWDGLLCWPTAGSGEWVTLPCPDFFSHFSSESGAVKRDCTITGWS
EPFPPYPVACPVPLELLAEEESYFSTVKIIYTVGHSISIVALFVAITILVALRRLHCPRNYVHTQLFTTFILKAGAVFLK
DAALFHSDDTDHCSFSTVLCKVSVAASHFATMTNFSWLLAEAVYLNCLLASTSPSSRRAFWWLVLAGWGLPVLFTGTWVS
CKLAFEDIACWDLDDTSPYWWIIKGPIVLSVGVNFGLFLNIIRILVRKLEPAQGSLHTQSQYWRLSKSTLFLIPLFGIHY
IIFNFLPDNAGLGIRLPLELGLGSFQGFIVAILYCFLNQEVRTEISRKWHGHDPELLPAWRTRGSSGGGGSGGGGSSGVF
TLEDFVGDWEQTAAYNLDQVLEQGGVSSLLQNLAVSVTPIQRIVRSGENALKIDIHVIIPYEGLSADQMAQIEEVFKVVY
PVDDHHFKVILPYGTLVIDGVTPNMLNYFGRPYEGIAVFDGKKITVTGTLWNGNKIIDERLITPDGSMLFRVTINS
;
R
2 'polypeptide(L)'
;MGCLGNSKTEDQRNEEKAQREANKKIEKQLQKDKQVYRATHRLLLLGAGESGKNTIVKQMRILHVNGFNGEGGEEDPQAA
RSNSDGEKATKVQDIKNNLKEAIETIVAAMSNLVPPVELANPENQFRVDYILSVMNVPDFDFPPEFYEHAKALWEDEGVR
ACYERSNEYQLIDCAQYFLDKIDVIKQADYVPSDQDLLRCRVLTSGIFETKFQVDKVNFHMFDVGAQRDERRKWIQCFND
VTAIIFVVASSSYNMVIREDNQTNRLQAALKLFDSIWNNKWLRDTSVILFLNKQDLLAEKVLAGKSKIEDYFPEFARYTT
PEDATPEPGEDPRVTRAKYFIRDEFLRISTASGDGRHYCYPHFTCAVDTENIRRVFNDCRDIIQRMHLRQYELL
;
A
3 'polypeptide(L)' YADAIFTNSYRKVLGQLSARKLLQDIMSRQQGESNQERGARARL P
4 'polypeptide(L)'
;MHHHHHHSSGLVPRGSHMASHHHHHHHHHHGSLLQSELDQLRQEAEQLKNQIRDARKACADATLSQITNNIDPVGRIQMR
TRRTLRGHLAKIYAMHWGTDSRLLVSASQDGKLIIWDSYTTNKVHAIPLRSSWVMTCAYAPSGNYVACGGLDNICSIYNL
KTREGNVRVSRELAGHTGYLSCCRFLDDNQIVTSSGDTTCALWDIETGQQTTTFTGHTGDVMSLSLAPDTRLFVSGACDA
SAKLWDVREGMCRQTFTGHESDINAICFFPNGNAFATGSDDATCRLFDLRADQELMTYSHDNIICGITSVSFSKSGRLLL
AGYDDFNCNVWDALKADRAGVLAGHDNRVSCLGVTDDGMAVATGSWDSFLKIWNGSSGGGGSGGGGSSGVSGWRLFKKIS
;
B
5 'polypeptide(L)' MASNNTASIAQARKLVEQLKMEANIDRIKVSKAAADLMAYCEAHAKEDPLLTPVPASENPFREKKFFCAIL G
6 'polypeptide(L)'
;QVQLQESGGGLVQPGGSLRLSCAASGFTFSNYKMNWVRQAPGKGLEWVSDISQSGASISYTGSVKGRFTISRDNAKNTLY
LQMNSLKPEDTAVYYCARCPAPFTRDCFDVTSTTYAYRGQGTQVTV
;
N
#
loop_
_chem_comp.id
_chem_comp.type
_chem_comp.name
_chem_comp.formula
CLR non-polymer CHOLESTEROL 'C27 H46 O'
PLM non-polymer 'PALMITIC ACID' 'C16 H32 O2'
#
# COMPACT_ATOMS: atom_id res chain seq x y z
N LEU A 97 5.50 33.18 -58.52
CA LEU A 97 4.86 33.13 -57.21
C LEU A 97 4.12 31.80 -57.05
N ALA A 98 3.86 31.14 -58.18
CA ALA A 98 3.22 29.83 -58.15
C ALA A 98 4.04 28.83 -57.35
N GLU A 99 5.37 28.93 -57.42
CA GLU A 99 6.24 28.02 -56.69
C GLU A 99 5.99 28.13 -55.18
N GLU A 100 6.04 29.35 -54.65
CA GLU A 100 5.89 29.50 -53.20
C GLU A 100 4.45 29.31 -52.76
N GLU A 101 3.46 29.63 -53.59
CA GLU A 101 2.09 29.34 -53.18
C GLU A 101 1.85 27.84 -53.13
N SER A 102 2.45 27.08 -54.04
CA SER A 102 2.36 25.62 -53.94
C SER A 102 3.09 25.10 -52.72
N TYR A 103 4.24 25.67 -52.40
CA TYR A 103 4.97 25.27 -51.20
C TYR A 103 4.14 25.52 -49.95
N PHE A 104 3.50 26.69 -49.86
CA PHE A 104 2.64 26.99 -48.73
C PHE A 104 1.43 26.06 -48.68
N SER A 105 0.91 25.67 -49.85
CA SER A 105 -0.19 24.71 -49.88
C SER A 105 0.25 23.35 -49.33
N THR A 106 1.47 22.93 -49.66
CA THR A 106 1.97 21.66 -49.17
C THR A 106 2.16 21.68 -47.66
N VAL A 107 2.75 22.76 -47.13
CA VAL A 107 2.89 22.80 -45.67
C VAL A 107 1.53 22.94 -45.00
N LYS A 108 0.56 23.57 -45.68
CA LYS A 108 -0.79 23.65 -45.14
C LYS A 108 -1.41 22.27 -45.01
N ILE A 109 -1.31 21.45 -46.06
CA ILE A 109 -1.93 20.14 -45.96
C ILE A 109 -1.18 19.28 -44.94
N ILE A 110 0.13 19.46 -44.80
CA ILE A 110 0.85 18.63 -43.84
C ILE A 110 0.46 19.00 -42.41
N TYR A 111 0.30 20.30 -42.11
CA TYR A 111 -0.11 20.57 -40.73
C TYR A 111 -1.59 20.32 -40.49
N THR A 112 -2.43 20.32 -41.53
CA THR A 112 -3.80 19.85 -41.34
C THR A 112 -3.83 18.38 -40.98
N VAL A 113 -3.04 17.56 -41.67
CA VAL A 113 -2.93 16.15 -41.32
C VAL A 113 -2.45 15.99 -39.88
N GLY A 114 -1.40 16.72 -39.53
CA GLY A 114 -0.86 16.64 -38.18
C GLY A 114 -1.89 16.99 -37.12
N HIS A 115 -2.60 18.10 -37.32
CA HIS A 115 -3.59 18.52 -36.35
C HIS A 115 -4.78 17.57 -36.28
N SER A 116 -5.10 16.90 -37.40
CA SER A 116 -6.19 15.91 -37.35
C SER A 116 -5.80 14.69 -36.51
N ILE A 117 -4.59 14.17 -36.74
CA ILE A 117 -4.12 13.05 -35.92
C ILE A 117 -4.04 13.47 -34.46
N SER A 118 -3.57 14.69 -34.20
CA SER A 118 -3.54 15.21 -32.84
C SER A 118 -4.94 15.24 -32.23
N ILE A 119 -5.93 15.72 -32.99
CA ILE A 119 -7.29 15.83 -32.48
C ILE A 119 -7.81 14.45 -32.06
N VAL A 120 -7.63 13.45 -32.92
CA VAL A 120 -8.21 12.14 -32.59
C VAL A 120 -7.48 11.52 -31.39
N ALA A 121 -6.14 11.59 -31.38
CA ALA A 121 -5.40 11.02 -30.26
C ALA A 121 -5.74 11.73 -28.95
N LEU A 122 -5.93 13.05 -29.00
CA LEU A 122 -6.23 13.80 -27.78
C LEU A 122 -7.64 13.54 -27.29
N PHE A 123 -8.60 13.34 -28.20
CA PHE A 123 -9.93 12.94 -27.78
C PHE A 123 -9.89 11.60 -27.07
N VAL A 124 -9.16 10.64 -27.63
CA VAL A 124 -9.01 9.34 -26.96
C VAL A 124 -8.39 9.51 -25.58
N ALA A 125 -7.33 10.33 -25.50
CA ALA A 125 -6.61 10.49 -24.24
C ALA A 125 -7.47 11.16 -23.18
N ILE A 126 -8.24 12.19 -23.56
CA ILE A 126 -9.10 12.87 -22.60
C ILE A 126 -10.21 11.93 -22.14
N THR A 127 -10.79 11.16 -23.05
CA THR A 127 -11.80 10.18 -22.64
C THR A 127 -11.22 9.22 -21.61
N ILE A 128 -10.01 8.71 -21.86
CA ILE A 128 -9.38 7.78 -20.93
C ILE A 128 -9.17 8.46 -19.57
N LEU A 129 -8.60 9.67 -19.57
CA LEU A 129 -8.23 10.31 -18.32
C LEU A 129 -9.42 10.80 -17.51
N VAL A 130 -10.56 11.07 -18.15
CA VAL A 130 -11.73 11.54 -17.40
C VAL A 130 -12.65 10.39 -17.01
N ALA A 131 -12.77 9.37 -17.86
CA ALA A 131 -13.68 8.26 -17.57
C ALA A 131 -13.21 7.47 -16.35
N LEU A 132 -11.96 7.04 -16.35
CA LEU A 132 -11.44 6.20 -15.28
C LEU A 132 -11.40 6.98 -13.96
N ARG A 133 -12.10 6.44 -12.96
CA ARG A 133 -12.31 7.15 -11.70
C ARG A 133 -11.06 7.23 -10.84
N ARG A 134 -10.19 6.21 -10.93
CA ARG A 134 -9.01 6.16 -10.07
C ARG A 134 -7.97 7.21 -10.44
N LEU A 135 -8.04 7.77 -11.65
CA LEU A 135 -6.99 8.62 -12.19
C LEU A 135 -7.27 10.10 -11.99
N HIS A 136 -7.99 10.46 -10.94
CA HIS A 136 -8.33 11.87 -10.69
C HIS A 136 -7.29 12.49 -9.75
N CYS A 137 -6.08 12.62 -10.27
CA CYS A 137 -5.03 13.36 -9.61
C CYS A 137 -5.20 14.85 -9.90
N PRO A 138 -4.53 15.71 -9.14
CA PRO A 138 -4.42 17.12 -9.54
C PRO A 138 -3.39 17.35 -10.64
N ARG A 139 -2.60 16.33 -10.98
CA ARG A 139 -1.67 16.37 -12.09
C ARG A 139 -2.32 15.93 -13.40
N ASN A 140 -3.17 14.92 -13.34
CA ASN A 140 -3.91 14.50 -14.53
C ASN A 140 -4.89 15.57 -14.97
N TYR A 141 -5.35 16.42 -14.05
CA TYR A 141 -6.16 17.56 -14.45
C TYR A 141 -5.36 18.54 -15.30
N VAL A 142 -4.11 18.81 -14.90
CA VAL A 142 -3.26 19.70 -15.68
C VAL A 142 -2.99 19.10 -17.06
N HIS A 143 -2.71 17.79 -17.10
CA HIS A 143 -2.53 17.11 -18.39
C HIS A 143 -3.77 17.22 -19.25
N THR A 144 -4.95 17.02 -18.66
CA THR A 144 -6.19 17.08 -19.43
C THR A 144 -6.42 18.48 -19.99
N GLN A 145 -6.15 19.51 -19.19
CA GLN A 145 -6.36 20.86 -19.68
C GLN A 145 -5.36 21.21 -20.77
N LEU A 146 -4.13 20.71 -20.67
CA LEU A 146 -3.18 20.85 -21.77
C LEU A 146 -3.71 20.20 -23.05
N PHE A 147 -4.28 19.00 -22.91
CA PHE A 147 -4.86 18.32 -24.06
C PHE A 147 -5.97 19.16 -24.70
N THR A 148 -6.87 19.69 -23.87
CA THR A 148 -7.96 20.51 -24.40
C THR A 148 -7.43 21.76 -25.08
N THR A 149 -6.35 22.35 -24.58
CA THR A 149 -5.79 23.51 -25.25
C THR A 149 -5.21 23.13 -26.62
N PHE A 150 -4.60 21.96 -26.71
CA PHE A 150 -4.15 21.49 -28.02
C PHE A 150 -5.32 21.33 -28.98
N ILE A 151 -6.43 20.76 -28.49
CA ILE A 151 -7.60 20.58 -29.35
C ILE A 151 -8.18 21.92 -29.79
N LEU A 152 -8.24 22.89 -28.87
CA LEU A 152 -8.68 24.23 -29.24
C LEU A 152 -7.77 24.84 -30.30
N LYS A 153 -6.45 24.67 -30.17
CA LYS A 153 -5.54 25.19 -31.18
C LYS A 153 -5.82 24.57 -32.54
N ALA A 154 -5.97 23.25 -32.58
CA ALA A 154 -6.23 22.57 -33.86
C ALA A 154 -7.53 23.04 -34.48
N GLY A 155 -8.60 23.09 -33.68
CA GLY A 155 -9.88 23.53 -34.22
C GLY A 155 -9.86 24.97 -34.70
N ALA A 156 -9.21 25.85 -33.94
CA ALA A 156 -9.14 27.25 -34.33
C ALA A 156 -8.37 27.44 -35.62
N VAL A 157 -7.26 26.70 -35.80
CA VAL A 157 -6.52 26.87 -37.04
C VAL A 157 -7.28 26.25 -38.20
N PHE A 158 -8.01 25.15 -37.97
CA PHE A 158 -8.84 24.58 -39.02
C PHE A 158 -9.88 25.59 -39.50
N LEU A 159 -10.63 26.18 -38.57
CA LEU A 159 -11.65 27.12 -39.00
C LEU A 159 -11.03 28.40 -39.55
N LYS A 160 -9.82 28.75 -39.12
CA LYS A 160 -9.18 29.94 -39.64
C LYS A 160 -8.77 29.77 -41.10
N ASP A 161 -8.10 28.67 -41.42
CA ASP A 161 -7.74 28.46 -42.82
C ASP A 161 -8.92 27.98 -43.66
N ALA A 162 -10.05 27.64 -43.02
CA ALA A 162 -11.27 27.38 -43.78
C ALA A 162 -12.07 28.66 -44.01
N ALA A 163 -11.87 29.69 -43.19
CA ALA A 163 -12.54 30.97 -43.37
C ALA A 163 -11.70 32.00 -44.10
N LEU A 164 -10.40 31.75 -44.30
CA LEU A 164 -9.55 32.68 -45.01
C LEU A 164 -9.08 32.20 -46.37
N PHE A 165 -9.01 30.90 -46.60
CA PHE A 165 -8.46 30.35 -47.84
C PHE A 165 -9.53 29.46 -48.48
N HIS A 166 -10.41 30.09 -49.27
CA HIS A 166 -11.43 29.39 -50.03
C HIS A 166 -10.96 29.12 -51.46
N SER A 167 -11.84 28.50 -52.24
CA SER A 167 -11.68 28.52 -53.69
C SER A 167 -11.75 29.96 -54.17
N ASP A 168 -11.05 30.26 -55.26
CA ASP A 168 -10.77 31.65 -55.57
C ASP A 168 -12.01 32.37 -56.09
N ASP A 169 -12.80 32.93 -55.17
CA ASP A 169 -13.84 33.89 -55.50
C ASP A 169 -13.61 35.23 -54.80
N THR A 170 -12.38 35.43 -54.30
CA THR A 170 -12.03 36.59 -53.49
C THR A 170 -10.95 37.39 -54.19
N ASP A 171 -11.16 38.70 -54.33
CA ASP A 171 -10.09 39.57 -54.81
C ASP A 171 -8.87 39.47 -53.93
N HIS A 172 -9.07 39.31 -52.62
CA HIS A 172 -8.07 38.99 -51.60
C HIS A 172 -7.06 40.11 -51.39
N CYS A 173 -7.15 41.21 -52.13
CA CYS A 173 -6.38 42.41 -51.83
C CYS A 173 -7.14 43.30 -50.86
N SER A 174 -8.43 43.51 -51.11
CA SER A 174 -9.33 44.14 -50.16
C SER A 174 -10.40 43.11 -49.80
N PHE A 175 -10.07 42.28 -48.81
CA PHE A 175 -10.93 41.19 -48.35
C PHE A 175 -11.23 41.44 -46.88
N SER A 176 -12.50 41.57 -46.53
CA SER A 176 -12.90 41.81 -45.16
C SER A 176 -14.21 41.10 -44.86
N THR A 177 -14.31 40.59 -43.64
CA THR A 177 -15.52 39.91 -43.16
C THR A 177 -15.46 39.91 -41.64
N VAL A 178 -16.63 39.97 -41.01
CA VAL A 178 -16.69 39.81 -39.55
C VAL A 178 -16.21 38.42 -39.18
N LEU A 179 -16.51 37.42 -40.02
CA LEU A 179 -15.99 36.08 -39.80
C LEU A 179 -14.47 36.07 -39.78
N CYS A 180 -13.83 36.85 -40.66
CA CYS A 180 -12.38 36.99 -40.59
C CYS A 180 -11.92 37.42 -39.21
N LYS A 181 -12.53 38.48 -38.67
CA LYS A 181 -12.07 39.03 -37.41
C LYS A 181 -12.26 38.03 -36.28
N VAL A 182 -13.44 37.41 -36.20
CA VAL A 182 -13.68 36.47 -35.11
C VAL A 182 -12.79 35.23 -35.26
N SER A 183 -12.49 34.81 -36.49
CA SER A 183 -11.67 33.62 -36.68
C SER A 183 -10.22 33.88 -36.32
N VAL A 184 -9.68 35.03 -36.73
CA VAL A 184 -8.32 35.39 -36.35
C VAL A 184 -8.20 35.56 -34.85
N ALA A 185 -9.18 36.21 -34.22
CA ALA A 185 -9.16 36.34 -32.76
C ALA A 185 -9.23 34.98 -32.08
N ALA A 186 -9.99 34.04 -32.66
CA ALA A 186 -10.10 32.71 -32.08
C ALA A 186 -8.78 31.96 -32.17
N SER A 187 -8.09 32.05 -33.30
CA SER A 187 -6.80 31.39 -33.42
C SER A 187 -5.78 31.99 -32.44
N HIS A 188 -5.77 33.33 -32.32
CA HIS A 188 -4.86 33.96 -31.36
C HIS A 188 -5.15 33.51 -29.95
N PHE A 189 -6.43 33.47 -29.56
CA PHE A 189 -6.79 33.05 -28.21
C PHE A 189 -6.41 31.60 -27.94
N ALA A 190 -6.65 30.73 -28.92
CA ALA A 190 -6.33 29.31 -28.74
C ALA A 190 -4.82 29.11 -28.58
N THR A 191 -4.02 29.80 -29.39
CA THR A 191 -2.57 29.64 -29.26
C THR A 191 -2.08 30.19 -27.92
N MET A 192 -2.65 31.31 -27.47
CA MET A 192 -2.23 31.84 -26.17
C MET A 192 -2.60 30.89 -25.04
N THR A 193 -3.76 30.21 -25.14
CA THR A 193 -4.10 29.23 -24.12
C THR A 193 -3.12 28.05 -24.15
N ASN A 194 -2.74 27.60 -25.34
CA ASN A 194 -1.77 26.52 -25.44
C ASN A 194 -0.45 26.88 -24.76
N PHE A 195 0.05 28.08 -25.04
CA PHE A 195 1.32 28.50 -24.44
C PHE A 195 1.19 28.65 -22.93
N SER A 196 0.09 29.26 -22.47
CA SER A 196 -0.10 29.42 -21.03
C SER A 196 -0.19 28.09 -20.33
N TRP A 197 -0.72 27.06 -20.99
CA TRP A 197 -0.83 25.77 -20.30
C TRP A 197 0.44 24.93 -20.38
N LEU A 198 1.28 25.11 -21.40
CA LEU A 198 2.63 24.57 -21.32
C LEU A 198 3.37 25.20 -20.13
N LEU A 199 3.28 26.52 -19.99
CA LEU A 199 3.88 27.18 -18.84
C LEU A 199 3.27 26.70 -17.53
N ALA A 200 1.98 26.38 -17.52
CA ALA A 200 1.33 25.90 -16.30
C ALA A 200 1.82 24.50 -15.93
N GLU A 201 2.00 23.63 -16.92
CA GLU A 201 2.69 22.36 -16.70
C GLU A 201 4.01 22.59 -15.97
N ALA A 202 4.85 23.46 -16.52
CA ALA A 202 6.16 23.68 -15.92
C ALA A 202 6.05 24.24 -14.51
N VAL A 203 5.15 25.20 -14.30
CA VAL A 203 5.03 25.85 -13.00
C VAL A 203 4.51 24.87 -11.95
N TYR A 204 3.61 23.98 -12.34
CA TYR A 204 3.11 22.99 -11.39
C TYR A 204 4.16 22.00 -10.90
N LEU A 205 4.98 21.49 -11.80
CA LEU A 205 6.03 20.55 -11.43
C LEU A 205 7.06 21.21 -10.51
N ASN A 206 7.42 22.44 -10.83
CA ASN A 206 8.32 23.23 -10.01
C ASN A 206 7.73 23.54 -8.65
N CYS A 207 6.43 23.80 -8.61
CA CYS A 207 5.72 24.00 -7.35
C CYS A 207 5.75 22.75 -6.50
N LEU A 208 5.62 21.59 -7.14
CA LEU A 208 5.61 20.33 -6.42
C LEU A 208 6.95 20.10 -5.73
N LEU A 209 8.04 20.43 -6.42
CA LEU A 209 9.37 20.20 -5.87
C LEU A 209 9.84 21.33 -4.96
N ALA A 210 9.37 22.56 -5.16
CA ALA A 210 9.85 23.68 -4.37
C ALA A 210 9.18 23.79 -3.01
N SER A 211 8.16 22.99 -2.74
CA SER A 211 7.47 23.04 -1.46
C SER A 211 8.08 22.06 -0.47
N THR A 212 7.73 22.25 0.81
CA THR A 212 8.25 21.42 1.89
C THR A 212 7.31 20.25 2.17
N SER A 213 6.08 20.55 2.53
CA SER A 213 5.04 19.57 2.79
C SER A 213 4.07 19.52 1.62
N PRO A 214 3.31 18.44 1.47
CA PRO A 214 2.29 18.41 0.40
C PRO A 214 1.17 19.39 0.68
N SER A 215 1.50 20.67 0.61
CA SER A 215 0.63 21.78 0.97
C SER A 215 1.29 23.08 0.53
N SER A 216 0.49 24.02 0.05
CA SER A 216 -0.95 23.87 -0.05
C SER A 216 -1.37 23.54 -1.47
N ARG A 217 -2.66 23.29 -1.66
CA ARG A 217 -3.24 23.16 -2.99
C ARG A 217 -3.73 24.50 -3.52
N ARG A 218 -3.36 25.61 -2.86
CA ARG A 218 -3.59 26.93 -3.44
C ARG A 218 -2.93 27.06 -4.80
N ALA A 219 -1.76 26.44 -4.96
CA ALA A 219 -1.01 26.50 -6.20
C ALA A 219 -1.86 26.03 -7.38
N PHE A 220 -2.56 24.91 -7.21
CA PHE A 220 -3.31 24.34 -8.32
C PHE A 220 -4.45 25.25 -8.75
N TRP A 221 -5.18 25.84 -7.81
CA TRP A 221 -6.32 26.65 -8.21
C TRP A 221 -5.89 28.02 -8.72
N TRP A 222 -4.87 28.62 -8.11
CA TRP A 222 -4.25 29.80 -8.71
C TRP A 222 -3.83 29.52 -10.14
N LEU A 223 -3.26 28.33 -10.38
CA LEU A 223 -2.75 27.97 -11.69
C LEU A 223 -3.90 27.84 -12.69
N VAL A 224 -4.95 27.10 -12.31
CA VAL A 224 -6.07 26.86 -13.20
C VAL A 224 -6.81 28.14 -13.50
N LEU A 225 -6.82 29.10 -12.56
CA LEU A 225 -7.47 30.36 -12.85
C LEU A 225 -6.62 31.24 -13.76
N ALA A 226 -5.33 31.36 -13.47
CA ALA A 226 -4.47 32.23 -14.25
C ALA A 226 -4.31 31.72 -15.68
N GLY A 227 -4.12 30.41 -15.84
CA GLY A 227 -3.86 29.84 -17.15
C GLY A 227 -4.99 29.99 -18.14
N TRP A 228 -6.21 30.17 -17.66
CA TRP A 228 -7.34 30.47 -18.53
C TRP A 228 -7.75 31.93 -18.50
N GLY A 229 -7.34 32.69 -17.49
CA GLY A 229 -7.73 34.09 -17.41
C GLY A 229 -6.79 35.04 -18.12
N LEU A 230 -5.49 34.75 -18.11
CA LEU A 230 -4.54 35.64 -18.76
C LEU A 230 -4.67 35.60 -20.28
N PRO A 231 -4.86 34.43 -20.91
CA PRO A 231 -5.15 34.43 -22.35
C PRO A 231 -6.41 35.22 -22.68
N VAL A 232 -7.49 35.02 -21.93
CA VAL A 232 -8.73 35.77 -22.14
C VAL A 232 -8.47 37.27 -22.01
N LEU A 233 -7.77 37.66 -20.95
CA LEU A 233 -7.51 39.08 -20.72
C LEU A 233 -6.72 39.70 -21.87
N PHE A 234 -5.63 39.05 -22.28
CA PHE A 234 -4.78 39.64 -23.31
C PHE A 234 -5.46 39.64 -24.66
N THR A 235 -6.17 38.55 -25.02
CA THR A 235 -6.89 38.55 -26.28
C THR A 235 -8.01 39.57 -26.29
N GLY A 236 -8.68 39.77 -25.15
CA GLY A 236 -9.73 40.77 -25.09
C GLY A 236 -9.20 42.19 -25.24
N THR A 237 -8.10 42.51 -24.54
CA THR A 237 -7.53 43.84 -24.70
C THR A 237 -6.96 44.03 -26.10
N TRP A 238 -6.51 42.94 -26.74
CA TRP A 238 -6.08 43.02 -28.13
C TRP A 238 -7.26 43.36 -29.04
N VAL A 239 -8.38 42.65 -28.87
CA VAL A 239 -9.56 42.92 -29.68
C VAL A 239 -10.05 44.34 -29.45
N SER A 240 -9.93 44.83 -28.21
CA SER A 240 -10.37 46.19 -27.91
C SER A 240 -9.48 47.22 -28.59
N CYS A 241 -8.16 47.06 -28.50
CA CYS A 241 -7.26 47.99 -29.17
C CYS A 241 -7.26 47.83 -30.68
N LYS A 242 -7.83 46.74 -31.19
CA LYS A 242 -8.04 46.62 -32.64
C LYS A 242 -9.30 47.36 -33.07
N LEU A 243 -10.41 47.11 -32.38
CA LEU A 243 -11.65 47.82 -32.68
C LEU A 243 -11.48 49.32 -32.54
N ALA A 244 -10.69 49.77 -31.56
CA ALA A 244 -10.56 51.19 -31.32
C ALA A 244 -9.68 51.88 -32.35
N PHE A 245 -8.66 51.20 -32.88
CA PHE A 245 -7.65 51.85 -33.70
C PHE A 245 -7.60 51.36 -35.13
N GLU A 246 -7.40 50.06 -35.35
CA GLU A 246 -7.09 49.55 -36.68
C GLU A 246 -8.04 48.41 -37.03
N ASP A 247 -8.84 48.59 -38.08
CA ASP A 247 -9.71 47.54 -38.62
C ASP A 247 -9.40 47.41 -40.11
N ILE A 248 -8.40 46.60 -40.45
CA ILE A 248 -7.89 46.51 -41.81
C ILE A 248 -7.70 45.05 -42.19
N ALA A 249 -8.38 44.63 -43.27
CA ALA A 249 -8.02 43.43 -44.03
C ALA A 249 -7.99 42.17 -43.17
N CYS A 250 -9.11 41.88 -42.50
CA CYS A 250 -9.32 40.64 -41.76
C CYS A 250 -8.39 40.53 -40.55
N TRP A 251 -7.76 41.64 -40.15
CA TRP A 251 -6.94 41.73 -38.94
C TRP A 251 -5.73 40.81 -38.99
N ASP A 252 -4.97 40.86 -40.08
CA ASP A 252 -3.81 39.99 -40.22
C ASP A 252 -2.47 40.70 -40.04
N LEU A 253 -2.39 41.99 -40.36
CA LEU A 253 -1.09 42.67 -40.43
C LEU A 253 -0.36 42.63 -39.10
N ASP A 254 0.93 42.30 -39.15
CA ASP A 254 1.81 42.28 -38.00
C ASP A 254 2.85 43.39 -38.00
N ASP A 255 3.03 44.11 -39.12
CA ASP A 255 4.06 45.13 -39.19
C ASP A 255 3.77 46.32 -38.27
N THR A 256 2.54 46.45 -37.78
CA THR A 256 2.20 47.53 -36.86
C THR A 256 3.00 47.38 -35.57
N SER A 257 3.92 48.31 -35.32
CA SER A 257 4.78 48.26 -34.15
C SER A 257 4.02 48.03 -32.84
N PRO A 258 2.95 48.76 -32.54
CA PRO A 258 2.17 48.45 -31.35
C PRO A 258 1.03 47.48 -31.68
N TYR A 259 0.33 47.07 -30.62
CA TYR A 259 -0.92 46.30 -30.70
C TYR A 259 -0.67 44.86 -31.16
N TRP A 260 0.55 44.55 -31.56
CA TRP A 260 0.94 43.18 -31.82
C TRP A 260 1.68 42.55 -30.66
N TRP A 261 2.35 43.37 -29.85
CA TRP A 261 3.03 42.85 -28.68
C TRP A 261 2.06 42.45 -27.59
N ILE A 262 0.84 42.99 -27.59
CA ILE A 262 -0.18 42.56 -26.65
C ILE A 262 -0.34 41.05 -26.67
N ILE A 263 -0.08 40.43 -27.83
CA ILE A 263 -0.10 38.99 -27.95
C ILE A 263 1.30 38.38 -28.04
N LYS A 264 2.25 39.07 -28.69
CA LYS A 264 3.57 38.48 -28.89
C LYS A 264 4.49 38.59 -27.67
N GLY A 265 4.09 39.33 -26.63
CA GLY A 265 4.91 39.51 -25.46
C GLY A 265 4.70 38.45 -24.41
N PRO A 266 3.45 38.21 -24.03
CA PRO A 266 3.16 37.07 -23.14
C PRO A 266 3.71 35.75 -23.66
N ILE A 267 3.67 35.51 -24.97
CA ILE A 267 4.15 34.25 -25.51
C ILE A 267 5.66 34.15 -25.38
N VAL A 268 6.38 35.23 -25.70
CA VAL A 268 7.84 35.21 -25.61
C VAL A 268 8.27 35.06 -24.16
N LEU A 269 7.61 35.76 -23.24
CA LEU A 269 7.95 35.65 -21.83
C LEU A 269 7.65 34.25 -21.30
N SER A 270 6.54 33.65 -21.74
CA SER A 270 6.19 32.30 -21.30
C SER A 270 7.25 31.30 -21.75
N VAL A 271 7.68 31.38 -23.01
CA VAL A 271 8.70 30.46 -23.48
C VAL A 271 10.02 30.71 -22.76
N GLY A 272 10.36 31.97 -22.53
CA GLY A 272 11.61 32.28 -21.85
C GLY A 272 11.66 31.76 -20.43
N VAL A 273 10.57 31.89 -19.68
CA VAL A 273 10.57 31.38 -18.31
C VAL A 273 10.37 29.87 -18.30
N ASN A 274 9.73 29.31 -19.33
CA ASN A 274 9.59 27.86 -19.40
C ASN A 274 10.93 27.19 -19.60
N PHE A 275 11.83 27.83 -20.35
CA PHE A 275 13.17 27.28 -20.50
C PHE A 275 13.91 27.25 -19.16
N GLY A 276 13.77 28.31 -18.36
CA GLY A 276 14.43 28.33 -17.06
C GLY A 276 13.84 27.32 -16.10
N LEU A 277 12.52 27.12 -16.15
CA LEU A 277 11.91 26.08 -15.33
C LEU A 277 12.36 24.69 -15.76
N PHE A 278 12.50 24.47 -17.07
CA PHE A 278 13.05 23.21 -17.57
C PHE A 278 14.46 22.98 -17.04
N LEU A 279 15.29 24.02 -17.04
CA LEU A 279 16.65 23.89 -16.53
C LEU A 279 16.66 23.60 -15.03
N ASN A 280 15.77 24.24 -14.28
CA ASN A 280 15.70 23.97 -12.85
C ASN A 280 15.28 22.53 -12.58
N ILE A 281 14.31 22.02 -13.34
CA ILE A 281 13.88 20.65 -13.17
C ILE A 281 15.01 19.68 -13.50
N ILE A 282 15.76 19.96 -14.57
CA ILE A 282 16.82 19.03 -14.94
C ILE A 282 17.97 19.08 -13.92
N ARG A 283 18.20 20.24 -13.31
CA ARG A 283 19.17 20.31 -12.22
C ARG A 283 18.73 19.46 -11.03
N ILE A 284 17.48 19.65 -10.58
CA ILE A 284 16.95 18.86 -9.48
C ILE A 284 17.05 17.38 -9.80
N LEU A 285 16.82 17.01 -11.06
CA LEU A 285 16.82 15.61 -11.44
C LEU A 285 18.22 15.04 -11.50
N VAL A 286 19.22 15.84 -11.89
CA VAL A 286 20.58 15.30 -11.94
C VAL A 286 21.17 15.21 -10.55
N ARG A 287 20.71 16.04 -9.60
CA ARG A 287 21.17 15.87 -8.23
C ARG A 287 20.49 14.71 -7.51
N LYS A 288 19.58 14.00 -8.16
CA LYS A 288 18.97 12.79 -7.61
C LYS A 288 19.61 11.51 -8.13
N LEU A 289 20.51 11.61 -9.11
CA LEU A 289 21.13 10.45 -9.74
C LEU A 289 22.62 10.49 -9.41
N GLU A 290 23.00 9.77 -8.36
CA GLU A 290 24.39 9.77 -7.90
C GLU A 290 24.86 8.36 -7.54
N THR A 298 27.90 4.81 -13.36
CA THR A 298 27.95 6.05 -14.12
C THR A 298 27.67 5.75 -15.60
N GLN A 299 27.90 4.50 -15.99
CA GLN A 299 27.53 4.08 -17.35
C GLN A 299 26.03 4.22 -17.56
N SER A 300 25.24 3.70 -16.63
CA SER A 300 23.82 3.99 -16.59
C SER A 300 23.61 5.33 -15.89
N GLN A 301 22.36 5.67 -15.60
CA GLN A 301 21.94 6.93 -15.02
C GLN A 301 22.16 8.10 -15.97
N TYR A 302 22.76 7.86 -17.14
CA TYR A 302 22.78 8.80 -18.23
C TYR A 302 21.63 8.55 -19.20
N TRP A 303 21.29 7.26 -19.40
CA TRP A 303 20.14 6.93 -20.21
C TRP A 303 18.84 7.37 -19.55
N ARG A 304 18.73 7.22 -18.23
CA ARG A 304 17.56 7.70 -17.52
C ARG A 304 17.45 9.22 -17.60
N LEU A 305 18.58 9.93 -17.43
CA LEU A 305 18.57 11.38 -17.51
C LEU A 305 18.18 11.86 -18.91
N SER A 306 18.71 11.21 -19.94
CA SER A 306 18.39 11.62 -21.30
C SER A 306 16.95 11.28 -21.66
N LYS A 307 16.45 10.13 -21.18
CA LYS A 307 15.05 9.80 -21.40
C LYS A 307 14.12 10.81 -20.74
N SER A 308 14.46 11.23 -19.52
CA SER A 308 13.64 12.23 -18.83
C SER A 308 13.70 13.58 -19.54
N THR A 309 14.88 13.96 -20.04
CA THR A 309 14.99 15.22 -20.76
C THR A 309 14.19 15.20 -22.06
N LEU A 310 14.29 14.12 -22.83
CA LEU A 310 13.54 14.01 -24.07
C LEU A 310 12.05 13.76 -23.82
N PHE A 311 11.66 13.41 -22.60
CA PHE A 311 10.24 13.37 -22.26
C PHE A 311 9.74 14.74 -21.85
N LEU A 312 10.59 15.56 -21.23
CA LEU A 312 10.19 16.91 -20.87
C LEU A 312 10.15 17.82 -22.09
N ILE A 313 10.91 17.50 -23.13
CA ILE A 313 10.94 18.35 -24.33
C ILE A 313 9.54 18.60 -24.89
N PRO A 314 8.70 17.59 -25.15
CA PRO A 314 7.36 17.89 -25.68
C PRO A 314 6.41 18.48 -24.66
N LEU A 315 6.49 18.04 -23.39
CA LEU A 315 5.52 18.49 -22.40
C LEU A 315 5.61 19.98 -22.14
N PHE A 316 6.80 20.56 -22.26
CA PHE A 316 6.99 21.97 -21.99
C PHE A 316 7.08 22.81 -23.26
N GLY A 317 7.18 22.19 -24.43
CA GLY A 317 7.35 22.92 -25.66
C GLY A 317 8.67 23.67 -25.67
N ILE A 318 9.77 22.95 -25.40
CA ILE A 318 11.07 23.58 -25.36
C ILE A 318 11.60 23.84 -26.76
N HIS A 319 11.04 23.18 -27.78
CA HIS A 319 11.45 23.42 -29.16
C HIS A 319 11.07 24.80 -29.66
N TYR A 320 10.43 25.63 -28.85
CA TYR A 320 10.16 27.02 -29.19
C TYR A 320 11.28 27.97 -28.79
N ILE A 321 12.27 27.49 -28.03
CA ILE A 321 13.30 28.39 -27.51
C ILE A 321 14.29 28.80 -28.59
N ILE A 322 14.34 28.08 -29.71
CA ILE A 322 15.32 28.40 -30.76
C ILE A 322 14.97 29.73 -31.42
N PHE A 323 13.77 29.83 -31.97
CA PHE A 323 13.34 31.01 -32.71
C PHE A 323 12.54 31.99 -31.85
N ASN A 324 12.53 31.80 -30.53
CA ASN A 324 11.70 32.65 -29.67
C ASN A 324 12.14 34.10 -29.73
N PHE A 325 13.44 34.35 -29.82
CA PHE A 325 13.98 35.70 -29.92
C PHE A 325 14.62 35.86 -31.29
N LEU A 326 13.82 36.21 -32.29
CA LEU A 326 14.29 36.52 -33.63
C LEU A 326 13.33 37.52 -34.25
N PRO A 327 13.78 38.28 -35.28
CA PRO A 327 12.98 39.41 -35.76
C PRO A 327 11.85 39.04 -36.71
N ASP A 328 11.38 37.79 -36.65
CA ASP A 328 10.26 37.28 -37.45
C ASP A 328 10.64 37.03 -38.90
N ASN A 329 11.91 36.73 -39.18
CA ASN A 329 12.34 36.49 -40.55
C ASN A 329 13.62 35.66 -40.53
N ALA A 330 14.01 35.20 -41.72
CA ALA A 330 15.29 34.54 -41.96
C ALA A 330 15.37 33.16 -41.31
N GLY A 331 14.33 32.78 -40.58
CA GLY A 331 14.25 31.43 -40.06
C GLY A 331 13.18 30.63 -40.77
N LEU A 332 12.36 31.34 -41.54
CA LEU A 332 11.17 30.74 -42.15
C LEU A 332 11.50 29.59 -43.08
N GLY A 333 12.73 29.53 -43.59
CA GLY A 333 13.12 28.37 -44.37
C GLY A 333 13.18 27.12 -43.52
N ILE A 334 13.56 27.25 -42.26
CA ILE A 334 13.69 26.11 -41.37
C ILE A 334 12.69 26.14 -40.21
N ARG A 335 12.21 27.33 -39.80
CA ARG A 335 11.36 27.38 -38.62
C ARG A 335 9.91 27.00 -38.95
N LEU A 336 9.48 27.20 -40.19
CA LEU A 336 8.10 26.91 -40.54
C LEU A 336 7.84 25.41 -40.55
N PRO A 337 8.68 24.58 -41.18
CA PRO A 337 8.47 23.13 -41.03
C PRO A 337 8.67 22.63 -39.61
N LEU A 338 9.58 23.24 -38.85
CA LEU A 338 9.86 22.76 -37.51
C LEU A 338 8.69 23.03 -36.57
N GLU A 339 8.12 24.24 -36.63
CA GLU A 339 7.07 24.62 -35.70
C GLU A 339 5.66 24.40 -36.24
N LEU A 340 5.51 24.15 -37.54
CA LEU A 340 4.22 23.85 -38.15
C LEU A 340 4.11 22.42 -38.64
N GLY A 341 5.17 21.87 -39.23
CA GLY A 341 5.14 20.49 -39.66
C GLY A 341 5.33 19.52 -38.52
N LEU A 342 6.49 19.60 -37.85
CA LEU A 342 6.75 18.74 -36.71
C LEU A 342 5.98 19.18 -35.47
N GLY A 343 5.77 20.49 -35.30
CA GLY A 343 5.00 20.98 -34.19
C GLY A 343 3.51 20.71 -34.27
N SER A 344 3.04 20.19 -35.41
CA SER A 344 1.65 19.80 -35.51
C SER A 344 1.39 18.46 -34.82
N PHE A 345 2.40 17.60 -34.77
CA PHE A 345 2.29 16.31 -34.10
C PHE A 345 2.47 16.42 -32.58
N GLN A 346 2.69 17.62 -32.06
CA GLN A 346 3.06 17.76 -30.65
C GLN A 346 1.96 17.25 -29.72
N GLY A 347 0.69 17.51 -30.07
CA GLY A 347 -0.40 16.95 -29.28
C GLY A 347 -0.43 15.43 -29.33
N PHE A 348 -0.17 14.87 -30.51
CA PHE A 348 -0.11 13.42 -30.66
C PHE A 348 1.02 12.84 -29.80
N ILE A 349 2.20 13.46 -29.85
CA ILE A 349 3.34 12.95 -29.11
C ILE A 349 3.12 13.08 -27.60
N VAL A 350 2.52 14.19 -27.17
CA VAL A 350 2.26 14.38 -25.74
C VAL A 350 1.21 13.38 -25.26
N ALA A 351 0.17 13.16 -26.07
CA ALA A 351 -0.85 12.18 -25.70
C ALA A 351 -0.25 10.79 -25.59
N ILE A 352 0.65 10.42 -26.50
CA ILE A 352 1.30 9.12 -26.40
C ILE A 352 2.17 9.04 -25.15
N LEU A 353 3.00 10.06 -24.92
CA LEU A 353 3.98 9.97 -23.85
C LEU A 353 3.34 10.04 -22.47
N TYR A 354 2.21 10.73 -22.33
CA TYR A 354 1.63 10.95 -21.01
C TYR A 354 0.25 10.33 -20.81
N CYS A 355 -0.31 9.66 -21.81
CA CYS A 355 -1.53 8.89 -21.60
C CYS A 355 -1.38 7.42 -21.96
N PHE A 356 -0.81 7.11 -23.12
CA PHE A 356 -0.82 5.72 -23.59
C PHE A 356 0.34 4.91 -23.03
N LEU A 357 1.47 5.56 -22.75
CA LEU A 357 2.49 5.03 -21.84
C LEU A 357 2.03 5.31 -20.42
N ASN A 358 2.95 5.37 -19.46
CA ASN A 358 2.60 5.71 -18.09
C ASN A 358 1.78 4.62 -17.41
N GLN A 359 2.45 3.53 -17.03
CA GLN A 359 1.86 2.30 -16.50
C GLN A 359 0.69 2.50 -15.55
N GLU A 360 0.65 3.60 -14.80
CA GLU A 360 -0.45 3.75 -13.84
C GLU A 360 -1.81 3.83 -14.51
N VAL A 361 -1.86 4.00 -15.84
CA VAL A 361 -3.10 3.88 -16.58
C VAL A 361 -3.17 2.60 -17.40
N ARG A 362 -2.04 2.10 -17.91
CA ARG A 362 -2.07 0.86 -18.67
C ARG A 362 -2.47 -0.31 -17.80
N THR A 363 -1.97 -0.35 -16.55
CA THR A 363 -2.35 -1.44 -15.66
C THR A 363 -3.83 -1.40 -15.34
N GLU A 364 -4.43 -0.21 -15.19
CA GLU A 364 -5.85 -0.17 -14.87
C GLU A 364 -6.72 -0.47 -16.08
N ILE A 365 -6.31 -0.05 -17.28
CA ILE A 365 -7.12 -0.41 -18.44
C ILE A 365 -6.97 -1.90 -18.74
N SER A 366 -5.79 -2.47 -18.54
CA SER A 366 -5.63 -3.92 -18.66
C SER A 366 -6.43 -4.64 -17.59
N ARG A 367 -6.54 -4.06 -16.40
CA ARG A 367 -7.34 -4.67 -15.34
C ARG A 367 -8.82 -4.71 -15.72
N LYS A 368 -9.37 -3.57 -16.12
CA LYS A 368 -10.79 -3.56 -16.47
C LYS A 368 -11.08 -4.20 -17.82
N TRP A 369 -10.05 -4.50 -18.61
CA TRP A 369 -10.25 -5.28 -19.82
C TRP A 369 -10.19 -6.78 -19.54
N HIS A 370 -9.29 -7.21 -18.65
CA HIS A 370 -9.18 -8.60 -18.26
C HIS A 370 -10.20 -9.00 -17.20
N GLY A 371 -10.95 -8.05 -16.65
CA GLY A 371 -12.01 -8.40 -15.71
C GLY A 371 -13.14 -9.16 -16.37
N HIS A 372 -13.50 -8.76 -17.59
CA HIS A 372 -14.54 -9.43 -18.34
C HIS A 372 -14.07 -10.80 -18.82
N THR B 9 -46.23 11.67 0.71
CA THR B 9 -45.90 11.50 2.12
C THR B 9 -45.11 12.68 2.65
N GLU B 10 -44.94 12.74 3.97
CA GLU B 10 -44.16 13.78 4.62
C GLU B 10 -43.01 13.23 5.46
N ASP B 11 -43.27 12.20 6.28
CA ASP B 11 -42.26 11.73 7.22
C ASP B 11 -41.09 11.06 6.51
N GLN B 12 -41.37 10.34 5.42
CA GLN B 12 -40.28 9.72 4.66
C GLN B 12 -39.37 10.78 4.06
N ARG B 13 -39.96 11.85 3.48
CA ARG B 13 -39.16 12.91 2.89
C ARG B 13 -38.37 13.66 3.95
N ASN B 14 -38.99 13.91 5.10
CA ASN B 14 -38.27 14.58 6.18
C ASN B 14 -37.10 13.74 6.67
N GLU B 15 -37.30 12.44 6.84
CA GLU B 15 -36.21 11.57 7.28
C GLU B 15 -35.08 11.53 6.26
N GLU B 16 -35.44 11.43 4.97
CA GLU B 16 -34.41 11.37 3.94
C GLU B 16 -33.62 12.67 3.88
N LYS B 17 -34.29 13.82 3.98
CA LYS B 17 -33.55 15.06 3.86
C LYS B 17 -32.74 15.36 5.13
N ALA B 18 -33.23 14.94 6.30
CA ALA B 18 -32.41 15.06 7.50
C ALA B 18 -31.16 14.20 7.39
N GLN B 19 -31.31 13.00 6.84
CA GLN B 19 -30.14 12.16 6.56
C GLN B 19 -29.18 12.86 5.61
N ARG B 20 -29.70 13.54 4.59
CA ARG B 20 -28.83 14.22 3.64
C ARG B 20 -28.09 15.39 4.28
N GLU B 21 -28.76 16.15 5.15
CA GLU B 21 -28.07 17.27 5.81
C GLU B 21 -27.03 16.78 6.80
N ALA B 22 -27.32 15.71 7.53
CA ALA B 22 -26.29 15.14 8.41
C ALA B 22 -25.10 14.64 7.61
N ASN B 23 -25.35 14.02 6.45
CA ASN B 23 -24.26 13.57 5.61
C ASN B 23 -23.44 14.75 5.08
N LYS B 24 -24.10 15.88 4.79
CA LYS B 24 -23.36 17.05 4.33
C LYS B 24 -22.49 17.64 5.43
N LYS B 25 -23.00 17.69 6.66
CA LYS B 25 -22.16 18.17 7.76
C LYS B 25 -20.97 17.24 7.98
N ILE B 26 -21.19 15.93 7.92
CA ILE B 26 -20.10 14.98 8.11
C ILE B 26 -19.05 15.13 7.02
N GLU B 27 -19.49 15.26 5.76
CA GLU B 27 -18.53 15.39 4.67
C GLU B 27 -17.79 16.71 4.72
N LYS B 28 -18.44 17.77 5.22
CA LYS B 28 -17.73 19.02 5.45
C LYS B 28 -16.61 18.84 6.47
N GLN B 29 -16.92 18.19 7.60
CA GLN B 29 -15.88 17.96 8.61
C GLN B 29 -14.78 17.06 8.07
N LEU B 30 -15.13 16.10 7.20
CA LEU B 30 -14.12 15.22 6.63
C LEU B 30 -13.23 15.98 5.65
N GLN B 31 -13.80 16.91 4.88
CA GLN B 31 -12.99 17.77 4.03
C GLN B 31 -12.04 18.61 4.86
N LYS B 32 -12.49 19.09 6.01
CA LYS B 32 -11.62 19.88 6.86
C LYS B 32 -10.51 19.04 7.48
N ASP B 33 -10.79 17.78 7.80
CA ASP B 33 -9.76 16.90 8.37
C ASP B 33 -8.78 16.41 7.31
N LYS B 34 -9.21 16.30 6.06
CA LYS B 34 -8.34 15.79 5.00
C LYS B 34 -7.14 16.70 4.79
N GLN B 35 -7.32 18.01 4.92
CA GLN B 35 -6.21 18.93 4.72
C GLN B 35 -5.18 18.79 5.83
N VAL B 36 -5.63 18.67 7.08
CA VAL B 36 -4.71 18.45 8.20
C VAL B 36 -4.00 17.11 8.05
N TYR B 37 -4.69 16.10 7.51
CA TYR B 37 -4.05 14.79 7.35
C TYR B 37 -3.00 14.81 6.25
N ARG B 38 -3.30 15.43 5.10
CA ARG B 38 -2.37 15.41 3.97
C ARG B 38 -1.15 16.28 4.22
N ALA B 39 -1.21 17.22 5.16
CA ALA B 39 -0.11 18.14 5.42
C ALA B 39 0.69 17.77 6.66
N THR B 40 0.75 16.48 6.99
CA THR B 40 1.51 16.00 8.15
C THR B 40 2.40 14.86 7.73
N HIS B 41 3.57 14.78 8.34
CA HIS B 41 4.50 13.68 8.12
C HIS B 41 4.44 12.73 9.30
N ARG B 42 4.10 11.47 9.04
CA ARG B 42 4.05 10.43 10.05
C ARG B 42 5.33 9.62 9.99
N LEU B 43 6.00 9.49 11.14
CA LEU B 43 7.25 8.75 11.24
C LEU B 43 7.10 7.65 12.27
N LEU B 44 7.70 6.50 11.99
CA LEU B 44 7.75 5.38 12.92
C LEU B 44 9.15 5.31 13.49
N LEU B 45 9.29 5.67 14.76
CA LEU B 45 10.58 5.60 15.44
C LEU B 45 10.76 4.19 15.99
N LEU B 46 11.62 3.42 15.33
CA LEU B 46 11.86 2.03 15.71
C LEU B 46 13.30 1.88 16.18
N GLY B 47 13.52 0.89 17.04
CA GLY B 47 14.85 0.68 17.57
C GLY B 47 15.02 -0.72 18.11
N ALA B 48 16.18 -0.96 18.70
CA ALA B 48 16.51 -2.22 19.35
C ALA B 48 16.69 -1.98 20.85
N GLY B 49 17.09 -3.03 21.55
CA GLY B 49 17.24 -2.98 22.99
C GLY B 49 18.34 -2.05 23.48
N GLU B 50 19.59 -2.33 23.07
CA GLU B 50 20.71 -1.49 23.49
C GLU B 50 20.58 -0.08 22.91
N SER B 51 20.09 0.02 21.67
CA SER B 51 20.03 1.28 20.96
C SER B 51 19.13 2.29 21.66
N GLY B 52 19.71 3.37 22.19
CA GLY B 52 18.95 4.33 22.94
C GLY B 52 18.29 5.37 22.06
N LYS B 53 17.02 5.16 21.75
CA LYS B 53 16.26 6.10 20.95
C LYS B 53 15.64 7.21 21.80
N ASN B 54 15.66 7.07 23.13
CA ASN B 54 15.14 8.12 23.99
C ASN B 54 15.96 9.40 23.89
N THR B 55 17.22 9.31 23.48
CA THR B 55 18.01 10.50 23.24
C THR B 55 17.61 11.18 21.93
N ILE B 56 17.13 10.40 20.96
CA ILE B 56 16.55 10.99 19.76
C ILE B 56 15.23 11.68 20.11
N VAL B 57 14.54 11.21 21.13
CA VAL B 57 13.23 11.76 21.48
C VAL B 57 13.37 13.03 22.31
N LYS B 58 14.24 12.99 23.33
CA LYS B 58 14.42 14.14 24.19
C LYS B 58 14.93 15.37 23.45
N GLN B 59 15.34 15.23 22.19
CA GLN B 59 15.65 16.37 21.35
C GLN B 59 14.50 16.79 20.45
N MET B 60 13.55 15.88 20.18
CA MET B 60 12.40 16.21 19.36
C MET B 60 11.45 17.14 20.13
N SER B 205 0.71 1.79 28.19
CA SER B 205 0.42 2.41 26.90
C SER B 205 1.09 1.64 25.77
N GLY B 206 0.33 1.39 24.70
CA GLY B 206 0.85 0.61 23.60
C GLY B 206 1.66 1.39 22.58
N ILE B 207 1.49 2.71 22.54
CA ILE B 207 2.19 3.54 21.57
C ILE B 207 2.27 4.95 22.11
N PHE B 208 3.39 5.62 21.83
CA PHE B 208 3.60 7.00 22.25
C PHE B 208 3.69 7.89 21.03
N GLU B 209 3.10 9.09 21.14
CA GLU B 209 3.06 10.04 20.04
C GLU B 209 3.81 11.31 20.43
N THR B 210 4.51 11.88 19.45
CA THR B 210 5.32 13.08 19.66
C THR B 210 5.13 13.99 18.46
N LYS B 211 4.55 15.17 18.68
CA LYS B 211 4.34 16.15 17.63
C LYS B 211 5.38 17.25 17.74
N PHE B 212 5.97 17.62 16.62
CA PHE B 212 6.96 18.69 16.58
C PHE B 212 6.98 19.31 15.20
N GLN B 213 7.42 20.56 15.12
CA GLN B 213 7.39 21.33 13.89
C GLN B 213 8.81 21.70 13.46
N VAL B 214 9.03 21.69 12.14
CA VAL B 214 10.29 22.09 11.53
C VAL B 214 9.95 22.95 10.32
N ASP B 215 10.24 24.25 10.41
CA ASP B 215 10.00 25.18 9.30
C ASP B 215 8.52 25.17 8.88
N LYS B 216 7.64 25.27 9.87
CA LYS B 216 6.18 25.29 9.73
C LYS B 216 5.62 23.96 9.24
N VAL B 217 6.44 22.94 9.02
CA VAL B 217 5.99 21.62 8.63
C VAL B 217 5.68 20.81 9.89
N ASN B 218 4.64 19.99 9.83
CA ASN B 218 4.20 19.20 10.97
C ASN B 218 4.71 17.77 10.84
N PHE B 219 5.34 17.28 11.91
CA PHE B 219 5.80 15.90 11.99
C PHE B 219 5.09 15.20 13.14
N HIS B 220 4.84 13.91 12.96
CA HIS B 220 4.09 13.10 13.93
C HIS B 220 4.85 11.78 14.10
N MET B 221 5.61 11.67 15.19
CA MET B 221 6.49 10.54 15.42
C MET B 221 5.87 9.58 16.43
N PHE B 222 5.93 8.29 16.13
CA PHE B 222 5.34 7.25 16.98
C PHE B 222 6.41 6.25 17.37
N ASP B 223 6.43 5.89 18.65
CA ASP B 223 7.35 4.92 19.20
C ASP B 223 6.55 3.87 19.95
N VAL B 224 6.76 2.60 19.62
CA VAL B 224 5.96 1.53 20.22
C VAL B 224 6.54 1.17 21.58
N GLY B 225 5.67 1.08 22.57
CA GLY B 225 6.03 0.52 23.85
C GLY B 225 4.96 -0.44 24.30
N ALA B 226 5.36 -1.38 25.15
CA ALA B 226 4.46 -2.44 25.61
C ALA B 226 3.94 -3.29 24.46
N GLN B 227 4.81 -3.57 23.50
CA GLN B 227 4.55 -4.54 22.45
C GLN B 227 5.59 -5.64 22.55
N ARG B 228 5.17 -6.88 22.29
CA ARG B 228 6.06 -8.01 22.45
C ARG B 228 7.16 -7.99 21.38
N ASP B 229 8.08 -8.95 21.48
CA ASP B 229 9.24 -9.02 20.60
C ASP B 229 8.90 -9.52 19.20
N GLU B 230 7.65 -9.89 18.96
CA GLU B 230 7.21 -10.34 17.65
C GLU B 230 6.54 -9.17 16.94
N ARG B 231 7.16 -8.70 15.86
CA ARG B 231 6.71 -7.50 15.16
C ARG B 231 6.03 -7.80 13.83
N ARG B 232 5.89 -9.07 13.43
CA ARG B 232 5.48 -9.34 12.06
C ARG B 232 4.00 -9.01 11.81
N LYS B 233 3.19 -8.93 12.86
CA LYS B 233 1.78 -8.62 12.65
C LYS B 233 1.49 -7.12 12.73
N TRP B 234 2.03 -6.42 13.72
CA TRP B 234 1.72 -5.01 13.88
C TRP B 234 2.62 -4.08 13.08
N ILE B 235 3.69 -4.60 12.47
CA ILE B 235 4.53 -3.75 11.62
C ILE B 235 3.83 -3.40 10.32
N GLN B 236 2.77 -4.15 9.97
CA GLN B 236 2.03 -3.87 8.74
C GLN B 236 1.19 -2.61 8.84
N CYS B 237 0.89 -2.15 10.06
CA CYS B 237 0.15 -0.91 10.25
C CYS B 237 0.95 0.32 9.86
N PHE B 238 2.22 0.17 9.48
CA PHE B 238 3.11 1.30 9.24
C PHE B 238 3.67 1.30 7.83
N ASN B 239 2.88 0.88 6.84
CA ASN B 239 3.37 0.85 5.48
C ASN B 239 3.15 2.15 4.72
N ASP B 240 2.41 3.10 5.28
CA ASP B 240 2.11 4.35 4.60
C ASP B 240 2.66 5.56 5.36
N VAL B 241 3.59 5.32 6.29
CA VAL B 241 4.33 6.43 6.87
C VAL B 241 5.35 6.94 5.85
N THR B 242 5.83 8.16 6.07
CA THR B 242 6.81 8.71 5.14
C THR B 242 8.19 8.10 5.33
N ALA B 243 8.56 7.76 6.57
CA ALA B 243 9.84 7.13 6.82
C ALA B 243 9.78 6.34 8.11
N ILE B 244 10.56 5.26 8.15
CA ILE B 244 10.85 4.54 9.38
C ILE B 244 12.23 4.98 9.86
N ILE B 245 12.29 5.58 11.04
CA ILE B 245 13.55 5.97 11.65
C ILE B 245 14.09 4.77 12.41
N PHE B 246 15.24 4.26 11.97
CA PHE B 246 15.82 3.04 12.50
C PHE B 246 17.06 3.42 13.31
N VAL B 247 16.93 3.45 14.63
CA VAL B 247 18.04 3.80 15.50
C VAL B 247 18.79 2.53 15.89
N VAL B 248 20.11 2.55 15.69
CA VAL B 248 20.97 1.40 15.96
C VAL B 248 22.23 1.91 16.66
N ALA B 249 22.63 1.21 17.72
CA ALA B 249 23.76 1.62 18.55
C ALA B 249 25.01 0.88 18.10
N SER B 250 25.85 1.55 17.33
CA SER B 250 27.11 0.96 16.90
C SER B 250 28.09 0.89 18.07
N SER B 251 28.80 -0.23 18.17
CA SER B 251 29.75 -0.43 19.25
C SER B 251 30.73 -1.55 18.92
N THR B 263 25.21 -10.12 24.06
CA THR B 263 24.88 -10.67 22.75
C THR B 263 25.34 -9.73 21.63
N ASN B 264 25.36 -10.26 20.40
CA ASN B 264 25.79 -9.51 19.22
C ASN B 264 24.61 -8.66 18.75
N ARG B 265 24.56 -7.41 19.23
CA ARG B 265 23.42 -6.55 18.94
C ARG B 265 23.45 -6.01 17.52
N LEU B 266 24.63 -5.87 16.93
CA LEU B 266 24.71 -5.30 15.58
C LEU B 266 24.23 -6.29 14.54
N GLN B 267 24.51 -7.58 14.72
CA GLN B 267 23.97 -8.56 13.78
C GLN B 267 22.46 -8.69 13.92
N ALA B 268 21.93 -8.52 15.13
CA ALA B 268 20.49 -8.49 15.31
C ALA B 268 19.86 -7.28 14.62
N ALA B 269 20.51 -6.12 14.73
CA ALA B 269 20.04 -4.94 14.02
C ALA B 269 20.08 -5.15 12.51
N LEU B 270 21.12 -5.81 12.02
CA LEU B 270 21.23 -6.05 10.59
C LEU B 270 20.15 -7.01 10.10
N LYS B 271 19.86 -8.05 10.87
CA LYS B 271 18.79 -8.97 10.49
C LYS B 271 17.44 -8.30 10.52
N LEU B 272 17.21 -7.43 11.51
CA LEU B 272 15.93 -6.72 11.57
C LEU B 272 15.78 -5.75 10.42
N PHE B 273 16.87 -5.07 10.04
CA PHE B 273 16.81 -4.17 8.90
C PHE B 273 16.58 -4.95 7.61
N ASP B 274 17.17 -6.13 7.48
CA ASP B 274 16.92 -6.98 6.33
C ASP B 274 15.44 -7.37 6.26
N SER B 275 14.87 -7.77 7.40
CA SER B 275 13.46 -8.17 7.43
C SER B 275 12.55 -7.01 7.05
N ILE B 276 12.85 -5.81 7.55
CA ILE B 276 12.01 -4.66 7.24
C ILE B 276 12.17 -4.25 5.78
N TRP B 277 13.39 -4.32 5.26
CA TRP B 277 13.65 -3.95 3.87
C TRP B 277 12.92 -4.87 2.91
N ASN B 278 12.99 -6.18 3.16
CA ASN B 278 12.50 -7.16 2.20
C ASN B 278 11.08 -7.62 2.46
N ASN B 279 10.36 -6.97 3.37
CA ASN B 279 8.94 -7.25 3.57
C ASN B 279 8.15 -6.76 2.38
N LYS B 280 7.08 -7.49 2.03
CA LYS B 280 6.29 -7.17 0.84
C LYS B 280 5.36 -5.99 1.07
N TRP B 281 5.08 -5.63 2.32
CA TRP B 281 4.23 -4.48 2.60
C TRP B 281 5.04 -3.23 2.93
N LEU B 282 6.31 -3.37 3.26
CA LEU B 282 7.18 -2.25 3.59
C LEU B 282 8.20 -1.98 2.50
N ARG B 283 7.93 -2.40 1.27
CA ARG B 283 8.85 -2.21 0.16
C ARG B 283 8.67 -0.88 -0.54
N ASP B 284 7.80 -0.01 -0.03
CA ASP B 284 7.67 1.35 -0.52
C ASP B 284 7.95 2.38 0.56
N THR B 285 8.30 1.94 1.76
CA THR B 285 8.61 2.82 2.87
C THR B 285 10.11 3.05 2.95
N SER B 286 10.50 4.31 3.13
CA SER B 286 11.91 4.65 3.23
C SER B 286 12.36 4.54 4.68
N VAL B 287 13.67 4.39 4.85
CA VAL B 287 14.28 4.17 6.17
C VAL B 287 15.35 5.22 6.38
N ILE B 288 15.20 6.02 7.43
CA ILE B 288 16.23 6.95 7.86
C ILE B 288 17.03 6.26 8.95
N LEU B 289 18.23 5.80 8.60
CA LEU B 289 19.05 5.01 9.51
C LEU B 289 19.93 5.94 10.33
N PHE B 290 19.85 5.82 11.65
CA PHE B 290 20.69 6.57 12.58
C PHE B 290 21.66 5.61 13.23
N LEU B 291 22.92 5.68 12.82
CA LEU B 291 23.99 4.88 13.42
C LEU B 291 24.46 5.62 14.66
N ASN B 292 24.01 5.16 15.83
CA ASN B 292 24.11 5.92 17.06
C ASN B 292 25.41 5.66 17.79
N LYS B 293 25.68 6.51 18.78
CA LYS B 293 26.80 6.36 19.72
C LYS B 293 28.14 6.18 18.98
N GLN B 294 28.46 7.15 18.12
CA GLN B 294 29.76 7.17 17.49
C GLN B 294 30.84 7.65 18.45
N ASP B 295 30.47 8.47 19.44
CA ASP B 295 31.43 8.86 20.46
C ASP B 295 31.77 7.71 21.38
N LEU B 296 30.82 6.80 21.61
CA LEU B 296 31.09 5.62 22.43
C LEU B 296 32.15 4.73 21.78
N LEU B 297 32.28 4.79 20.46
CA LEU B 297 33.32 4.05 19.77
C LEU B 297 34.71 4.63 20.01
N ALA B 298 34.80 5.86 20.54
CA ALA B 298 36.11 6.46 20.79
C ALA B 298 36.80 5.81 21.97
N GLU B 299 36.05 5.48 23.02
CA GLU B 299 36.59 4.76 24.16
C GLU B 299 36.68 3.26 23.89
N LYS B 300 36.38 2.82 22.68
CA LYS B 300 36.54 1.43 22.27
C LYS B 300 37.96 1.27 21.74
N VAL B 301 38.91 1.13 22.66
CA VAL B 301 40.32 1.08 22.31
C VAL B 301 40.93 -0.31 22.50
N LEU B 302 40.32 -1.17 23.30
CA LEU B 302 40.89 -2.49 23.54
C LEU B 302 40.75 -3.36 22.31
N ALA B 303 41.76 -4.18 22.05
CA ALA B 303 41.75 -5.07 20.90
C ALA B 303 42.60 -6.31 21.16
N LYS B 307 36.82 -5.62 20.05
CA LYS B 307 35.76 -6.61 20.25
C LYS B 307 34.84 -6.64 19.03
N ILE B 308 35.06 -5.70 18.10
CA ILE B 308 34.35 -5.69 16.83
C ILE B 308 35.08 -6.60 15.87
N GLU B 309 36.09 -7.31 16.38
CA GLU B 309 36.81 -8.30 15.61
C GLU B 309 36.38 -9.73 15.93
N ASP B 310 35.89 -9.98 17.14
CA ASP B 310 35.26 -11.26 17.45
C ASP B 310 34.16 -11.57 16.45
N TYR B 311 33.15 -10.71 16.38
CA TYR B 311 32.17 -10.76 15.33
C TYR B 311 32.65 -9.91 14.15
N PHE B 312 32.13 -10.21 12.96
CA PHE B 312 32.56 -9.55 11.73
C PHE B 312 34.06 -9.71 11.51
N PRO B 313 34.54 -10.90 11.16
CA PRO B 313 35.98 -11.07 10.91
C PRO B 313 36.47 -10.44 9.61
N GLU B 314 35.58 -9.92 8.77
CA GLU B 314 35.99 -9.21 7.57
C GLU B 314 36.34 -7.76 7.84
N PHE B 315 36.49 -7.39 9.10
CA PHE B 315 36.93 -6.05 9.47
C PHE B 315 38.44 -5.90 9.44
N ALA B 316 39.18 -7.01 9.40
CA ALA B 316 40.64 -6.93 9.32
C ALA B 316 41.08 -6.44 7.95
N ARG B 317 40.56 -7.03 6.88
CA ARG B 317 40.92 -6.63 5.52
C ARG B 317 39.96 -5.59 4.97
N TYR B 318 39.72 -4.52 5.73
CA TYR B 318 38.82 -3.45 5.33
C TYR B 318 39.59 -2.13 5.35
N THR B 319 39.59 -1.43 4.22
CA THR B 319 40.20 -0.12 4.12
C THR B 319 39.12 0.95 4.12
N THR B 320 39.28 1.94 4.99
CA THR B 320 38.27 2.98 5.12
C THR B 320 38.06 3.69 3.79
N PRO B 321 36.82 4.07 3.45
CA PRO B 321 36.59 4.78 2.18
C PRO B 321 37.22 6.17 2.23
N GLU B 322 38.19 6.40 1.34
CA GLU B 322 38.78 7.73 1.24
C GLU B 322 37.78 8.76 0.75
N ASP B 323 36.66 8.33 0.17
CA ASP B 323 35.65 9.26 -0.33
C ASP B 323 35.12 10.15 0.79
N ALA B 324 34.46 9.52 1.76
CA ALA B 324 33.85 10.23 2.88
C ALA B 324 34.88 10.89 3.80
N THR B 325 34.45 12.00 4.40
CA THR B 325 35.29 12.76 5.31
C THR B 325 34.70 12.67 6.71
N PRO B 326 35.55 12.34 7.70
CA PRO B 326 35.13 12.20 9.09
C PRO B 326 35.13 13.52 9.85
N GLU B 327 35.03 13.44 11.17
CA GLU B 327 35.03 14.62 12.01
C GLU B 327 36.46 15.10 12.20
N PRO B 328 36.70 16.42 12.24
CA PRO B 328 38.08 16.91 12.42
C PRO B 328 38.65 16.59 13.79
N GLY B 329 39.62 15.68 13.83
CA GLY B 329 40.22 15.26 15.08
C GLY B 329 39.66 13.95 15.60
N GLU B 330 39.51 12.96 14.71
CA GLU B 330 39.01 11.64 15.06
C GLU B 330 40.07 10.60 14.72
N ASP B 331 40.31 9.67 15.65
CA ASP B 331 41.26 8.60 15.40
C ASP B 331 40.73 7.67 14.30
N PRO B 332 41.62 7.09 13.50
CA PRO B 332 41.16 6.30 12.35
C PRO B 332 40.40 5.04 12.70
N ARG B 333 40.52 4.53 13.93
CA ARG B 333 39.82 3.31 14.29
C ARG B 333 38.32 3.51 14.26
N VAL B 334 37.84 4.59 14.88
CA VAL B 334 36.40 4.86 14.90
C VAL B 334 35.90 5.12 13.50
N THR B 335 36.67 5.84 12.68
CA THR B 335 36.26 6.13 11.32
C THR B 335 36.10 4.84 10.52
N ARG B 336 37.11 3.98 10.55
CA ARG B 336 37.03 2.73 9.81
C ARG B 336 35.90 1.86 10.31
N ALA B 337 35.71 1.78 11.63
CA ALA B 337 34.65 0.94 12.18
C ALA B 337 33.27 1.45 11.76
N LYS B 338 33.03 2.76 11.90
CA LYS B 338 31.71 3.28 11.60
C LYS B 338 31.41 3.21 10.12
N TYR B 339 32.41 3.40 9.25
CA TYR B 339 32.14 3.27 7.84
C TYR B 339 31.97 1.80 7.43
N PHE B 340 32.64 0.89 8.13
CA PHE B 340 32.40 -0.54 7.88
C PHE B 340 30.96 -0.92 8.21
N ILE B 341 30.44 -0.41 9.33
CA ILE B 341 29.07 -0.75 9.70
C ILE B 341 28.06 -0.07 8.77
N ARG B 342 28.32 1.19 8.41
CA ARG B 342 27.47 1.85 7.43
C ARG B 342 27.43 1.09 6.12
N ASP B 343 28.57 0.55 5.68
CA ASP B 343 28.59 -0.22 4.45
C ASP B 343 27.98 -1.60 4.60
N GLU B 344 27.93 -2.15 5.82
CA GLU B 344 27.12 -3.35 6.04
C GLU B 344 25.64 -3.06 5.77
N PHE B 345 25.12 -2.00 6.40
CA PHE B 345 23.72 -1.66 6.19
C PHE B 345 23.46 -1.30 4.72
N LEU B 346 24.42 -0.65 4.06
CA LEU B 346 24.24 -0.29 2.67
C LEU B 346 24.35 -1.50 1.74
N ARG B 347 25.14 -2.51 2.13
CA ARG B 347 25.16 -3.75 1.39
C ARG B 347 23.80 -4.44 1.45
N ILE B 348 23.14 -4.35 2.60
CA ILE B 348 21.78 -4.89 2.68
C ILE B 348 20.83 -4.08 1.81
N SER B 349 20.87 -2.75 1.93
CA SER B 349 19.88 -1.91 1.25
C SER B 349 20.15 -1.73 -0.24
N THR B 350 21.31 -2.13 -0.75
CA THR B 350 21.62 -2.00 -2.18
C THR B 350 21.32 -3.26 -2.96
N ALA B 351 21.41 -4.43 -2.34
CA ALA B 351 21.12 -5.69 -3.01
C ALA B 351 19.70 -5.77 -3.54
N SER B 352 18.84 -4.80 -3.22
CA SER B 352 17.47 -4.83 -3.70
C SER B 352 17.40 -4.57 -5.21
N GLY B 353 17.95 -3.45 -5.65
CA GLY B 353 17.89 -3.08 -7.05
C GLY B 353 16.48 -2.70 -7.47
N ASP B 354 15.87 -1.79 -6.70
CA ASP B 354 14.45 -1.46 -6.88
C ASP B 354 14.22 -0.03 -7.34
N GLY B 355 14.75 0.96 -6.61
CA GLY B 355 14.41 2.35 -6.90
C GLY B 355 13.04 2.79 -6.42
N ARG B 356 12.41 2.02 -5.53
CA ARG B 356 11.08 2.34 -5.01
C ARG B 356 11.08 2.84 -3.58
N HIS B 357 12.06 2.45 -2.78
CA HIS B 357 12.27 3.03 -1.46
C HIS B 357 13.76 3.14 -1.21
N TYR B 358 14.15 4.15 -0.45
CA TYR B 358 15.53 4.61 -0.39
C TYR B 358 15.96 4.66 1.07
N CYS B 359 17.26 4.61 1.30
CA CYS B 359 17.82 4.58 2.64
C CYS B 359 18.72 5.77 2.87
N TYR B 360 18.70 6.31 4.10
CA TYR B 360 19.42 7.52 4.46
C TYR B 360 20.26 7.24 5.70
N PRO B 361 21.51 6.81 5.55
CA PRO B 361 22.34 6.51 6.72
C PRO B 361 22.97 7.78 7.28
N HIS B 362 22.86 7.96 8.59
CA HIS B 362 23.45 9.09 9.29
C HIS B 362 24.18 8.59 10.52
N PHE B 363 25.23 9.32 10.90
CA PHE B 363 25.93 9.08 12.16
C PHE B 363 25.43 10.09 13.18
N THR B 364 24.90 9.60 14.29
CA THR B 364 24.38 10.45 15.36
C THR B 364 25.08 10.11 16.66
N CYS B 365 24.73 10.85 17.72
CA CYS B 365 25.28 10.62 19.05
C CYS B 365 24.18 10.89 20.07
N ALA B 366 24.55 10.84 21.35
CA ALA B 366 23.58 11.10 22.41
C ALA B 366 23.20 12.57 22.47
N VAL B 367 24.18 13.46 22.30
CA VAL B 367 23.96 14.90 22.30
C VAL B 367 24.23 15.42 20.90
N ASP B 368 23.22 16.04 20.30
CA ASP B 368 23.31 16.59 18.95
C ASP B 368 22.27 17.69 18.81
N THR B 369 22.33 18.37 17.66
CA THR B 369 21.33 19.37 17.29
C THR B 369 20.79 19.19 15.88
N GLU B 370 21.50 18.52 14.98
CA GLU B 370 21.14 18.42 13.59
C GLU B 370 20.28 17.20 13.28
N ASN B 371 19.82 16.47 14.29
CA ASN B 371 19.01 15.28 14.02
C ASN B 371 17.64 15.65 13.47
N ILE B 372 17.02 16.68 14.02
CA ILE B 372 15.73 17.14 13.51
C ILE B 372 15.88 17.67 12.09
N ARG B 373 16.93 18.45 11.84
CA ARG B 373 17.17 18.98 10.50
C ARG B 373 17.46 17.86 9.51
N ARG B 374 18.13 16.79 9.95
CA ARG B 374 18.37 15.66 9.08
C ARG B 374 17.07 14.95 8.72
N VAL B 375 16.21 14.72 9.72
CA VAL B 375 14.92 14.09 9.46
C VAL B 375 14.11 14.95 8.49
N PHE B 376 14.16 16.27 8.64
CA PHE B 376 13.42 17.17 7.76
C PHE B 376 13.96 17.09 6.33
N ASN B 377 15.27 17.13 6.16
CA ASN B 377 15.86 17.09 4.83
C ASN B 377 15.58 15.76 4.13
N ASP B 378 15.64 14.65 4.88
CA ASP B 378 15.34 13.36 4.25
C ASP B 378 13.86 13.21 3.95
N CYS B 379 12.97 13.78 4.77
CA CYS B 379 11.56 13.77 4.41
C CYS B 379 11.31 14.56 3.14
N ARG B 380 11.98 15.70 2.99
CA ARG B 380 11.89 16.46 1.74
C ARG B 380 12.35 15.62 0.55
N ASP B 381 13.49 14.94 0.69
CA ASP B 381 14.00 14.12 -0.40
C ASP B 381 13.04 12.99 -0.74
N ILE B 382 12.42 12.39 0.27
CA ILE B 382 11.47 11.30 0.03
C ILE B 382 10.27 11.82 -0.75
N ILE B 383 9.72 12.95 -0.34
CA ILE B 383 8.56 13.51 -1.03
C ILE B 383 8.94 13.89 -2.47
N GLN B 384 10.15 14.41 -2.67
CA GLN B 384 10.56 14.80 -4.01
C GLN B 384 10.73 13.59 -4.92
N ARG B 385 11.26 12.49 -4.40
CA ARG B 385 11.38 11.28 -5.21
C ARG B 385 10.01 10.67 -5.51
N MET B 386 9.08 10.75 -4.56
CA MET B 386 7.72 10.27 -4.84
C MET B 386 7.07 11.11 -5.94
N HIS B 387 7.25 12.42 -5.89
CA HIS B 387 6.69 13.29 -6.92
C HIS B 387 7.33 13.01 -8.28
N LEU B 388 8.65 12.81 -8.29
CA LEU B 388 9.34 12.52 -9.55
C LEU B 388 8.99 11.13 -10.09
N ARG B 389 8.57 10.19 -9.23
CA ARG B 389 8.15 8.91 -9.76
C ARG B 389 6.72 8.95 -10.28
N GLN B 390 5.86 9.80 -9.70
CA GLN B 390 4.53 9.96 -10.26
C GLN B 390 4.56 10.56 -11.66
N TYR B 391 5.62 11.28 -12.01
CA TYR B 391 5.79 11.81 -13.35
C TYR B 391 6.63 10.90 -14.24
N GLU B 392 7.15 9.81 -13.68
CA GLU B 392 8.05 8.89 -14.39
C GLU B 392 9.27 9.61 -14.94
N LEU B 393 9.82 10.51 -14.13
CA LEU B 393 11.13 11.06 -14.41
C LEU B 393 12.23 10.30 -13.69
N LEU B 394 11.89 9.56 -12.63
CA LEU B 394 12.80 8.65 -11.97
C LEU B 394 12.33 7.21 -12.13
N TYR C 1 5.59 30.90 -32.26
CA TYR C 1 4.28 31.29 -32.76
C TYR C 1 4.37 31.69 -34.23
N ALA C 2 4.64 30.68 -35.06
CA ALA C 2 4.87 30.87 -36.49
C ALA C 2 3.62 30.64 -37.32
N ASP C 3 2.49 30.31 -36.72
CA ASP C 3 1.27 30.11 -37.48
C ASP C 3 0.74 31.45 -38.01
N ALA C 4 0.81 32.50 -37.19
CA ALA C 4 0.46 33.82 -37.69
C ALA C 4 1.40 34.27 -38.79
N ILE C 5 2.68 33.90 -38.69
CA ILE C 5 3.65 34.26 -39.72
C ILE C 5 3.31 33.55 -41.03
N PHE C 6 2.96 32.26 -40.95
CA PHE C 6 2.53 31.53 -42.14
C PHE C 6 1.30 32.16 -42.75
N THR C 7 0.30 32.47 -41.92
CA THR C 7 -0.90 33.12 -42.43
C THR C 7 -0.57 34.43 -43.13
N ASN C 8 0.29 35.25 -42.53
CA ASN C 8 0.64 36.54 -43.14
C ASN C 8 1.34 36.36 -44.47
N SER C 9 2.36 35.49 -44.52
CA SER C 9 3.10 35.31 -45.76
C SER C 9 2.20 34.76 -46.86
N TYR C 10 1.32 33.81 -46.51
CA TYR C 10 0.46 33.20 -47.51
C TYR C 10 -0.60 34.18 -48.01
N ARG C 11 -1.19 34.98 -47.10
CA ARG C 11 -2.13 35.99 -47.53
C ARG C 11 -1.47 37.05 -48.39
N LYS C 12 -0.22 37.39 -48.07
CA LYS C 12 0.49 38.41 -48.86
C LYS C 12 0.79 37.89 -50.26
N VAL C 13 1.27 36.65 -50.39
CA VAL C 13 1.54 36.11 -51.71
C VAL C 13 0.23 35.92 -52.49
N LEU C 14 -0.85 35.57 -51.79
CA LEU C 14 -2.13 35.43 -52.47
C LEU C 14 -2.62 36.78 -52.99
N GLY C 15 -2.52 37.83 -52.18
CA GLY C 15 -2.92 39.15 -52.65
C GLY C 15 -2.05 39.62 -53.81
N GLN C 16 -0.75 39.35 -53.75
CA GLN C 16 0.14 39.70 -54.86
C GLN C 16 -0.29 39.00 -56.14
N LEU C 17 -0.47 37.68 -56.07
CA LEU C 17 -0.89 36.91 -57.24
C LEU C 17 -2.24 37.39 -57.75
N SER C 18 -3.16 37.72 -56.84
CA SER C 18 -4.49 38.15 -57.25
C SER C 18 -4.42 39.47 -58.00
N ALA C 19 -3.65 40.42 -57.49
CA ALA C 19 -3.47 41.69 -58.19
C ALA C 19 -2.81 41.47 -59.54
N ARG C 20 -1.79 40.61 -59.60
CA ARG C 20 -1.13 40.32 -60.86
C ARG C 20 -2.13 39.79 -61.88
N LYS C 21 -2.85 38.73 -61.52
CA LYS C 21 -3.82 38.14 -62.44
C LYS C 21 -4.86 39.17 -62.86
N LEU C 22 -5.41 39.91 -61.90
CA LEU C 22 -6.46 40.87 -62.18
C LEU C 22 -6.00 41.91 -63.20
N LEU C 23 -4.86 42.55 -62.93
CA LEU C 23 -4.43 43.63 -63.82
C LEU C 23 -4.02 43.08 -65.18
N GLN C 24 -3.30 41.95 -65.22
CA GLN C 24 -2.85 41.45 -66.51
C GLN C 24 -4.03 40.97 -67.36
N ASP C 25 -5.08 40.42 -66.73
CA ASP C 25 -6.23 39.98 -67.50
C ASP C 25 -7.11 41.16 -67.93
N ILE C 26 -7.20 42.19 -67.10
CA ILE C 26 -8.04 43.33 -67.45
C ILE C 26 -7.35 44.24 -68.46
N MET C 27 -6.02 44.16 -68.58
CA MET C 27 -5.33 44.90 -69.62
C MET C 27 -5.07 44.06 -70.88
N SER C 28 -5.02 42.74 -70.75
CA SER C 28 -4.77 41.87 -71.90
C SER C 28 -6.07 41.29 -72.44
N GLU D 37 13.57 -33.17 35.21
CA GLU D 37 12.20 -33.66 35.32
C GLU D 37 11.33 -32.96 34.27
N LEU D 38 11.98 -32.14 33.43
CA LEU D 38 11.28 -31.49 32.32
C LEU D 38 11.02 -32.46 31.18
N ASP D 39 12.04 -33.24 30.79
CA ASP D 39 11.85 -34.24 29.75
C ASP D 39 10.79 -35.27 30.12
N GLN D 40 10.60 -35.53 31.41
CA GLN D 40 9.48 -36.35 31.88
C GLN D 40 8.16 -35.86 31.29
N LEU D 41 7.80 -34.61 31.57
CA LEU D 41 6.53 -34.09 31.13
C LEU D 41 6.51 -33.86 29.63
N ARG D 42 7.65 -33.53 29.03
CA ARG D 42 7.70 -33.42 27.57
C ARG D 42 7.33 -34.75 26.92
N GLN D 43 7.90 -35.85 27.41
CA GLN D 43 7.60 -37.15 26.85
C GLN D 43 6.17 -37.56 27.12
N GLU D 44 5.65 -37.27 28.32
CA GLU D 44 4.27 -37.60 28.62
C GLU D 44 3.31 -36.84 27.70
N ALA D 45 3.63 -35.58 27.42
CA ALA D 45 2.82 -34.82 26.47
C ALA D 45 2.92 -35.41 25.07
N GLU D 46 4.11 -35.93 24.70
CA GLU D 46 4.24 -36.61 23.41
C GLU D 46 3.31 -37.81 23.32
N GLN D 47 3.29 -38.65 24.37
CA GLN D 47 2.40 -39.80 24.33
C GLN D 47 0.93 -39.39 24.32
N LEU D 48 0.57 -38.36 25.09
CA LEU D 48 -0.82 -37.93 25.11
C LEU D 48 -1.25 -37.39 23.75
N LYS D 49 -0.40 -36.61 23.09
CA LYS D 49 -0.77 -36.08 21.78
C LYS D 49 -0.82 -37.19 20.73
N ASN D 50 0.05 -38.20 20.84
CA ASN D 50 -0.04 -39.33 19.93
C ASN D 50 -1.32 -40.12 20.15
N GLN D 51 -1.74 -40.27 21.41
CA GLN D 51 -3.01 -40.94 21.69
C GLN D 51 -4.19 -40.17 21.12
N ILE D 52 -4.17 -38.84 21.27
CA ILE D 52 -5.24 -38.01 20.70
C ILE D 52 -5.26 -38.14 19.18
N ARG D 53 -4.08 -38.15 18.56
CA ARG D 53 -4.03 -38.29 17.10
C ARG D 53 -4.57 -39.63 16.65
N ASP D 54 -4.27 -40.70 17.39
CA ASP D 54 -4.80 -42.01 17.06
C ASP D 54 -6.31 -42.06 17.21
N ALA D 55 -6.84 -41.44 18.27
CA ALA D 55 -8.30 -41.39 18.44
C ALA D 55 -8.95 -40.62 17.30
N ARG D 56 -8.35 -39.48 16.91
CA ARG D 56 -8.86 -38.71 15.77
C ARG D 56 -8.88 -39.56 14.51
N LYS D 57 -7.80 -40.29 14.24
CA LYS D 57 -7.74 -41.13 13.05
C LYS D 57 -8.75 -42.28 13.13
N ALA D 58 -9.02 -42.77 14.33
CA ALA D 58 -10.02 -43.83 14.47
C ALA D 58 -11.42 -43.32 14.17
N CYS D 59 -11.73 -42.08 14.59
CA CYS D 59 -13.06 -41.55 14.35
C CYS D 59 -13.31 -41.21 12.89
N ALA D 60 -12.27 -41.07 12.08
CA ALA D 60 -12.44 -40.80 10.65
C ALA D 60 -12.82 -42.09 9.93
N ASP D 61 -13.87 -42.02 9.11
CA ASP D 61 -14.30 -43.18 8.36
C ASP D 61 -14.45 -42.89 6.87
N ALA D 62 -14.81 -41.65 6.53
CA ALA D 62 -14.99 -41.26 5.14
C ALA D 62 -14.87 -39.75 5.02
N THR D 63 -14.16 -39.31 3.99
CA THR D 63 -13.92 -37.89 3.76
C THR D 63 -15.22 -37.18 3.38
N LEU D 64 -15.26 -35.87 3.65
CA LEU D 64 -16.39 -35.06 3.23
C LEU D 64 -16.51 -35.01 1.71
N SER D 65 -15.40 -35.15 0.99
CA SER D 65 -15.43 -35.21 -0.46
C SER D 65 -15.92 -36.55 -1.00
N GLN D 66 -16.26 -37.49 -0.12
CA GLN D 66 -16.87 -38.75 -0.52
C GLN D 66 -18.36 -38.81 -0.21
N ILE D 67 -18.86 -37.92 0.63
CA ILE D 67 -20.26 -37.92 1.04
C ILE D 67 -20.99 -36.84 0.26
N THR D 68 -20.27 -35.78 -0.11
CA THR D 68 -20.81 -34.73 -0.96
C THR D 68 -20.37 -34.91 -2.41
N ASN D 69 -20.16 -36.15 -2.85
CA ASN D 69 -19.69 -36.41 -4.20
C ASN D 69 -20.82 -36.45 -5.21
N ASN D 70 -21.97 -37.03 -4.85
CA ASN D 70 -23.09 -37.10 -5.77
C ASN D 70 -23.96 -35.84 -5.73
N ILE D 71 -23.73 -34.94 -4.77
CA ILE D 71 -24.51 -33.71 -4.71
C ILE D 71 -24.21 -32.87 -5.94
N ASP D 72 -25.09 -31.91 -6.21
CA ASP D 72 -24.86 -31.16 -7.43
C ASP D 72 -24.20 -29.81 -7.12
N PRO D 73 -23.33 -29.33 -8.02
CA PRO D 73 -22.61 -28.08 -7.76
C PRO D 73 -23.51 -26.85 -7.73
N VAL D 74 -22.92 -25.71 -7.41
CA VAL D 74 -23.65 -24.44 -7.33
C VAL D 74 -23.56 -23.65 -8.62
N GLY D 75 -22.80 -24.12 -9.60
CA GLY D 75 -22.64 -23.42 -10.86
C GLY D 75 -21.63 -22.30 -10.79
N ARG D 76 -21.91 -21.20 -11.47
CA ARG D 76 -21.07 -20.01 -11.43
C ARG D 76 -21.80 -18.90 -10.69
N ILE D 77 -21.17 -18.38 -9.64
CA ILE D 77 -21.73 -17.26 -8.88
C ILE D 77 -21.19 -15.97 -9.48
N GLN D 78 -22.09 -15.01 -9.71
CA GLN D 78 -21.72 -13.72 -10.27
C GLN D 78 -22.32 -12.61 -9.42
N MET D 79 -21.47 -11.90 -8.69
CA MET D 79 -21.88 -10.75 -7.90
C MET D 79 -21.39 -9.47 -8.55
N ARG D 80 -22.10 -8.38 -8.28
CA ARG D 80 -21.79 -7.08 -8.85
C ARG D 80 -21.72 -6.04 -7.75
N THR D 81 -20.77 -5.11 -7.87
CA THR D 81 -20.66 -4.01 -6.94
C THR D 81 -21.91 -3.15 -6.99
N ARG D 82 -22.72 -3.17 -5.93
CA ARG D 82 -23.93 -2.35 -5.86
C ARG D 82 -23.65 -0.97 -5.31
N ARG D 83 -22.91 -0.88 -4.21
CA ARG D 83 -22.56 0.41 -3.61
C ARG D 83 -21.05 0.50 -3.45
N THR D 84 -20.56 1.72 -3.36
CA THR D 84 -19.16 2.00 -3.06
C THR D 84 -19.11 3.16 -2.08
N LEU D 85 -18.72 2.87 -0.85
CA LEU D 85 -18.75 3.85 0.22
C LEU D 85 -17.41 4.56 0.29
N ARG D 86 -17.42 5.86 -0.01
CA ARG D 86 -16.21 6.68 -0.06
C ARG D 86 -16.21 7.67 1.09
N GLY D 87 -15.02 8.01 1.57
CA GLY D 87 -14.91 8.95 2.66
C GLY D 87 -13.79 8.70 3.64
N HIS D 88 -13.26 7.48 3.68
CA HIS D 88 -12.12 7.19 4.52
C HIS D 88 -10.84 7.69 3.87
N LEU D 89 -9.94 8.23 4.69
CA LEU D 89 -8.71 8.84 4.19
C LEU D 89 -7.56 7.84 4.09
N ALA D 90 -7.44 6.93 5.06
CA ALA D 90 -6.39 5.94 5.11
C ALA D 90 -6.98 4.57 4.82
N LYS D 91 -6.14 3.54 4.95
CA LYS D 91 -6.58 2.19 4.68
C LYS D 91 -7.60 1.73 5.72
N ILE D 92 -8.60 0.99 5.25
CA ILE D 92 -9.63 0.43 6.11
C ILE D 92 -9.13 -0.89 6.68
N TYR D 93 -9.24 -1.07 7.99
CA TYR D 93 -8.73 -2.27 8.61
C TYR D 93 -9.83 -3.22 9.07
N ALA D 94 -11.04 -2.73 9.29
CA ALA D 94 -12.12 -3.57 9.81
C ALA D 94 -13.47 -2.93 9.52
N MET D 95 -14.48 -3.77 9.39
CA MET D 95 -15.88 -3.35 9.32
C MET D 95 -16.74 -4.36 10.06
N HIS D 96 -18.01 -4.01 10.25
CA HIS D 96 -18.93 -4.89 10.96
C HIS D 96 -20.36 -4.45 10.68
N TRP D 97 -21.20 -5.39 10.28
CA TRP D 97 -22.60 -5.13 9.99
C TRP D 97 -23.41 -5.07 11.28
N GLY D 98 -24.48 -4.29 11.24
CA GLY D 98 -25.48 -4.33 12.29
C GLY D 98 -26.47 -5.46 12.09
N THR D 99 -27.27 -5.72 13.13
CA THR D 99 -28.25 -6.79 13.06
C THR D 99 -29.46 -6.43 12.23
N ASP D 100 -29.66 -5.16 11.89
CA ASP D 100 -30.74 -4.78 11.00
C ASP D 100 -30.37 -4.94 9.53
N SER D 101 -29.14 -5.33 9.24
CA SER D 101 -28.65 -5.58 7.88
C SER D 101 -28.69 -4.33 7.01
N ARG D 102 -28.71 -3.15 7.63
CA ARG D 102 -28.71 -1.89 6.90
C ARG D 102 -27.50 -1.03 7.24
N LEU D 103 -27.20 -0.87 8.53
CA LEU D 103 -26.10 -0.03 8.98
C LEU D 103 -24.84 -0.86 9.18
N LEU D 104 -23.69 -0.24 8.95
CA LEU D 104 -22.42 -0.89 9.21
C LEU D 104 -21.40 0.14 9.66
N VAL D 105 -20.53 -0.28 10.57
CA VAL D 105 -19.45 0.56 11.06
C VAL D 105 -18.17 0.14 10.36
N SER D 106 -17.21 1.06 10.29
CA SER D 106 -15.99 0.83 9.55
C SER D 106 -14.85 1.61 10.21
N ALA D 107 -13.69 0.98 10.32
CA ALA D 107 -12.54 1.54 11.01
C ALA D 107 -11.42 1.81 10.02
N SER D 108 -10.81 2.98 10.12
CA SER D 108 -9.73 3.38 9.23
C SER D 108 -8.52 3.82 10.04
N GLN D 109 -7.35 3.73 9.41
CA GLN D 109 -6.10 4.09 10.06
C GLN D 109 -5.85 5.59 10.09
N ASP D 110 -6.80 6.39 9.63
CA ASP D 110 -6.72 7.84 9.77
C ASP D 110 -7.25 8.33 11.11
N GLY D 111 -7.84 7.45 11.90
CA GLY D 111 -8.43 7.82 13.17
C GLY D 111 -9.91 8.07 13.16
N LYS D 112 -10.66 7.43 12.27
CA LYS D 112 -12.09 7.66 12.14
C LYS D 112 -12.85 6.34 12.19
N LEU D 113 -13.98 6.36 12.89
CA LEU D 113 -15.04 5.38 12.73
C LEU D 113 -16.18 6.05 12.00
N ILE D 114 -16.64 5.44 10.91
CA ILE D 114 -17.76 5.95 10.14
C ILE D 114 -18.86 4.91 10.13
N ILE D 115 -20.07 5.32 10.48
CA ILE D 115 -21.24 4.47 10.44
C ILE D 115 -22.01 4.82 9.17
N TRP D 116 -22.26 3.81 8.34
CA TRP D 116 -22.83 4.02 7.02
C TRP D 116 -24.26 3.51 6.97
N ASP D 117 -25.09 4.21 6.21
CA ASP D 117 -26.36 3.67 5.74
C ASP D 117 -26.08 3.02 4.39
N SER D 118 -26.26 1.70 4.30
CA SER D 118 -25.86 0.99 3.10
C SER D 118 -26.90 1.08 1.99
N TYR D 119 -28.14 1.39 2.34
CA TYR D 119 -29.17 1.54 1.31
C TYR D 119 -29.04 2.87 0.57
N THR D 120 -28.79 3.95 1.31
CA THR D 120 -28.75 5.29 0.72
C THR D 120 -27.34 5.82 0.49
N THR D 121 -26.32 5.17 1.06
CA THR D 121 -24.89 5.50 0.98
C THR D 121 -24.56 6.70 1.88
N ASN D 122 -25.53 7.22 2.62
CA ASN D 122 -25.27 8.36 3.49
C ASN D 122 -24.48 7.96 4.73
N LYS D 123 -23.63 8.86 5.19
CA LYS D 123 -22.93 8.67 6.46
C LYS D 123 -23.83 9.12 7.60
N VAL D 124 -23.88 8.31 8.66
CA VAL D 124 -24.71 8.61 9.81
C VAL D 124 -23.92 9.23 10.94
N HIS D 125 -22.77 8.64 11.28
CA HIS D 125 -21.86 9.20 12.27
C HIS D 125 -20.45 9.18 11.73
N ALA D 126 -19.58 9.96 12.36
CA ALA D 126 -18.15 9.95 12.04
C ALA D 126 -17.42 10.29 13.33
N ILE D 127 -16.82 9.28 13.95
CA ILE D 127 -16.28 9.38 15.30
C ILE D 127 -14.77 9.54 15.21
N PRO D 128 -14.20 10.64 15.68
CA PRO D 128 -12.73 10.77 15.72
C PRO D 128 -12.18 10.08 16.97
N LEU D 129 -11.17 9.25 16.77
CA LEU D 129 -10.61 8.44 17.84
C LEU D 129 -9.34 9.08 18.39
N ARG D 130 -9.02 8.72 19.64
CA ARG D 130 -7.87 9.33 20.30
C ARG D 130 -6.56 8.84 19.71
N SER D 131 -6.47 7.55 19.38
CA SER D 131 -5.29 6.97 18.76
C SER D 131 -5.61 6.62 17.32
N SER D 132 -4.67 6.89 16.42
CA SER D 132 -4.92 6.67 15.00
C SER D 132 -4.87 5.21 14.62
N TRP D 133 -4.12 4.39 15.34
CA TRP D 133 -3.89 3.01 14.92
C TRP D 133 -4.97 2.12 15.53
N VAL D 134 -5.97 1.81 14.72
CA VAL D 134 -7.10 0.98 15.11
C VAL D 134 -7.08 -0.26 14.25
N MET D 135 -7.22 -1.42 14.90
CA MET D 135 -7.18 -2.70 14.21
C MET D 135 -8.48 -3.49 14.32
N THR D 136 -9.46 -3.02 15.08
CA THR D 136 -10.72 -3.75 15.18
C THR D 136 -11.84 -2.76 15.47
N CYS D 137 -13.04 -3.14 15.05
CA CYS D 137 -14.26 -2.42 15.41
C CYS D 137 -15.39 -3.42 15.51
N ALA D 138 -16.35 -3.13 16.38
CA ALA D 138 -17.49 -4.00 16.58
C ALA D 138 -18.75 -3.16 16.73
N TYR D 139 -19.88 -3.76 16.40
CA TYR D 139 -21.18 -3.12 16.48
C TYR D 139 -22.06 -3.94 17.39
N ALA D 140 -22.67 -3.31 18.39
CA ALA D 140 -23.44 -4.04 19.38
C ALA D 140 -24.70 -4.64 18.74
N PRO D 141 -25.11 -5.83 19.20
CA PRO D 141 -26.31 -6.46 18.62
C PRO D 141 -27.59 -5.67 18.84
N SER D 142 -27.58 -4.69 19.74
CA SER D 142 -28.73 -3.82 19.95
C SER D 142 -28.65 -2.53 19.15
N GLY D 143 -27.50 -2.23 18.55
CA GLY D 143 -27.32 -1.00 17.82
C GLY D 143 -27.04 0.21 18.65
N ASN D 144 -26.72 0.04 19.93
CA ASN D 144 -26.55 1.16 20.85
C ASN D 144 -25.09 1.56 21.03
N TYR D 145 -24.15 0.64 20.82
CA TYR D 145 -22.74 0.89 21.09
C TYR D 145 -21.89 0.47 19.90
N VAL D 146 -20.67 1.00 19.90
CA VAL D 146 -19.62 0.63 18.97
C VAL D 146 -18.33 0.53 19.76
N ALA D 147 -17.50 -0.45 19.43
CA ALA D 147 -16.21 -0.61 20.08
C ALA D 147 -15.10 -0.56 19.05
N CYS D 148 -13.93 -0.13 19.47
CA CYS D 148 -12.75 -0.13 18.60
C CYS D 148 -11.51 -0.28 19.45
N GLY D 149 -10.42 -0.69 18.80
CA GLY D 149 -9.16 -0.85 19.49
C GLY D 149 -8.05 -1.05 18.48
N GLY D 150 -6.83 -1.04 19.00
CA GLY D 150 -5.67 -1.21 18.15
C GLY D 150 -4.36 -1.22 18.90
N LEU D 151 -3.37 -0.48 18.39
CA LEU D 151 -2.02 -0.53 18.92
C LEU D 151 -1.86 0.15 20.27
N ASP D 152 -2.89 0.84 20.76
CA ASP D 152 -2.82 1.48 22.07
C ASP D 152 -3.25 0.55 23.21
N ASN D 153 -3.58 -0.70 22.91
CA ASN D 153 -3.91 -1.72 23.89
C ASN D 153 -5.22 -1.45 24.64
N ILE D 154 -6.10 -0.65 24.08
CA ILE D 154 -7.34 -0.26 24.75
C ILE D 154 -8.53 -0.59 23.86
N CYS D 155 -9.63 -1.00 24.48
CA CYS D 155 -10.92 -1.13 23.82
C CYS D 155 -11.83 0.00 24.30
N SER D 156 -12.21 0.87 23.38
CA SER D 156 -13.02 2.04 23.70
C SER D 156 -14.46 1.80 23.27
N ILE D 157 -15.40 2.00 24.19
CA ILE D 157 -16.81 1.81 23.92
C ILE D 157 -17.43 3.17 23.65
N TYR D 158 -18.23 3.27 22.58
CA TYR D 158 -18.81 4.52 22.13
C TYR D 158 -20.32 4.43 22.23
N ASN D 159 -20.91 5.25 23.10
CA ASN D 159 -22.36 5.36 23.19
C ASN D 159 -22.89 6.07 21.95
N LEU D 160 -23.82 5.43 21.24
CA LEU D 160 -24.38 6.03 20.04
C LEU D 160 -25.72 6.70 20.27
N LYS D 161 -26.45 6.32 21.31
CA LYS D 161 -27.76 6.92 21.55
C LYS D 161 -27.63 8.28 22.22
N THR D 162 -27.02 8.32 23.41
CA THR D 162 -26.53 9.53 24.07
C THR D 162 -27.48 10.72 23.90
N ARG D 163 -28.67 10.62 24.50
CA ARG D 163 -29.79 11.53 24.26
C ARG D 163 -29.39 12.99 24.13
N GLU D 164 -28.29 13.39 24.79
CA GLU D 164 -27.70 14.70 24.55
C GLU D 164 -27.33 14.90 23.09
N GLY D 165 -27.18 13.83 22.32
CA GLY D 165 -26.88 13.94 20.90
C GLY D 165 -25.42 14.16 20.60
N ASN D 166 -24.53 13.45 21.29
CA ASN D 166 -23.09 13.63 21.12
C ASN D 166 -22.42 12.29 21.31
N VAL D 167 -21.87 11.72 20.24
CA VAL D 167 -21.22 10.42 20.32
C VAL D 167 -19.94 10.59 21.14
N ARG D 168 -19.93 10.08 22.36
CA ARG D 168 -18.81 10.24 23.27
C ARG D 168 -18.38 8.87 23.79
N VAL D 169 -17.14 8.81 24.27
CA VAL D 169 -16.61 7.59 24.86
C VAL D 169 -17.36 7.31 26.15
N SER D 170 -17.90 6.09 26.28
CA SER D 170 -18.59 5.69 27.48
C SER D 170 -17.78 4.77 28.37
N ARG D 171 -16.69 4.20 27.85
CA ARG D 171 -15.88 3.27 28.63
C ARG D 171 -14.53 3.10 27.94
N GLU D 172 -13.52 2.76 28.73
CA GLU D 172 -12.18 2.48 28.22
C GLU D 172 -11.67 1.25 28.96
N LEU D 173 -11.57 0.13 28.26
CA LEU D 173 -11.21 -1.15 28.88
C LEU D 173 -9.69 -1.33 28.76
N ALA D 174 -8.99 -0.95 29.82
CA ALA D 174 -7.55 -1.11 29.89
C ALA D 174 -7.20 -2.35 30.69
N GLY D 175 -6.05 -2.94 30.37
CA GLY D 175 -5.63 -4.14 31.06
C GLY D 175 -4.89 -5.13 30.19
N HIS D 176 -5.07 -5.03 28.87
CA HIS D 176 -4.29 -5.84 27.95
C HIS D 176 -2.87 -5.32 27.86
N THR D 177 -1.93 -6.23 27.57
CA THR D 177 -0.53 -5.87 27.47
C THR D 177 -0.05 -5.75 26.03
N GLY D 178 -0.79 -6.30 25.07
CA GLY D 178 -0.51 -6.13 23.67
C GLY D 178 -1.68 -5.50 22.95
N TYR D 179 -1.49 -5.26 21.66
CA TYR D 179 -2.48 -4.56 20.87
C TYR D 179 -3.79 -5.35 20.78
N LEU D 180 -4.90 -4.62 20.71
CA LEU D 180 -6.20 -5.24 20.49
C LEU D 180 -6.34 -5.67 19.05
N SER D 181 -6.67 -6.93 18.84
CA SER D 181 -6.77 -7.51 17.52
C SER D 181 -8.20 -7.76 17.07
N CYS D 182 -9.08 -8.16 17.97
CA CYS D 182 -10.49 -8.36 17.67
C CYS D 182 -11.30 -8.06 18.91
N CYS D 183 -12.60 -7.82 18.73
CA CYS D 183 -13.51 -7.63 19.84
C CYS D 183 -14.93 -7.85 19.33
N ARG D 184 -15.76 -8.47 20.16
CA ARG D 184 -17.14 -8.78 19.81
C ARG D 184 -18.02 -8.63 21.03
N PHE D 185 -19.17 -7.99 20.86
CA PHE D 185 -20.13 -7.85 21.94
C PHE D 185 -20.92 -9.14 22.13
N LEU D 186 -21.14 -9.52 23.38
CA LEU D 186 -22.12 -10.55 23.71
C LEU D 186 -23.45 -9.91 24.08
N ASP D 187 -23.41 -8.93 24.98
CA ASP D 187 -24.57 -8.13 25.34
C ASP D 187 -24.18 -6.66 25.20
N ASP D 188 -25.02 -5.75 25.69
CA ASP D 188 -24.59 -4.37 25.85
C ASP D 188 -23.73 -4.18 27.10
N ASN D 189 -23.39 -5.26 27.79
CA ASN D 189 -22.64 -5.19 29.02
C ASN D 189 -21.41 -6.10 29.07
N GLN D 190 -21.23 -6.98 28.08
CA GLN D 190 -20.08 -7.87 28.04
C GLN D 190 -19.47 -7.84 26.65
N ILE D 191 -18.15 -8.00 26.60
CA ILE D 191 -17.42 -7.97 25.34
C ILE D 191 -16.19 -8.86 25.48
N VAL D 192 -15.89 -9.62 24.42
CA VAL D 192 -14.75 -10.51 24.37
C VAL D 192 -13.71 -9.88 23.44
N THR D 193 -12.47 -9.80 23.93
CA THR D 193 -11.40 -9.17 23.17
C THR D 193 -10.21 -10.12 23.08
N SER D 194 -9.62 -10.19 21.89
CA SER D 194 -8.36 -10.88 21.68
C SER D 194 -7.23 -9.85 21.58
N SER D 195 -6.02 -10.29 21.87
CA SER D 195 -4.91 -9.35 21.99
C SER D 195 -3.61 -9.98 21.52
N GLY D 196 -2.68 -9.11 21.14
CA GLY D 196 -1.35 -9.52 20.76
C GLY D 196 -0.46 -9.89 21.92
N ASP D 197 -1.03 -10.01 23.12
CA ASP D 197 -0.33 -10.55 24.27
C ASP D 197 -0.65 -12.02 24.51
N THR D 198 -1.19 -12.70 23.49
CA THR D 198 -1.46 -14.14 23.46
C THR D 198 -2.63 -14.54 24.36
N THR D 199 -3.49 -13.59 24.77
CA THR D 199 -4.62 -13.91 25.62
C THR D 199 -5.89 -13.27 25.07
N CYS D 200 -7.02 -13.90 25.40
CA CYS D 200 -8.33 -13.28 25.26
C CYS D 200 -8.86 -12.93 26.64
N ALA D 201 -9.89 -12.10 26.67
CA ALA D 201 -10.44 -11.65 27.94
C ALA D 201 -11.91 -11.30 27.77
N LEU D 202 -12.71 -11.63 28.77
CA LEU D 202 -14.11 -11.25 28.84
C LEU D 202 -14.25 -10.09 29.81
N TRP D 203 -14.93 -9.03 29.38
CA TRP D 203 -15.00 -7.80 30.13
C TRP D 203 -16.41 -7.55 30.63
N ASP D 204 -16.50 -6.77 31.71
CA ASP D 204 -17.75 -6.21 32.20
C ASP D 204 -17.68 -4.71 31.96
N ILE D 205 -18.52 -4.23 31.03
CA ILE D 205 -18.36 -2.86 30.52
C ILE D 205 -18.66 -1.84 31.62
N GLU D 206 -19.83 -1.92 32.23
CA GLU D 206 -20.24 -0.92 33.20
C GLU D 206 -19.34 -0.90 34.43
N THR D 207 -18.69 -2.02 34.74
CA THR D 207 -17.73 -2.06 35.85
C THR D 207 -16.31 -1.75 35.39
N GLY D 208 -15.93 -2.22 34.21
CA GLY D 208 -14.63 -1.95 33.65
C GLY D 208 -13.59 -3.02 33.88
N GLN D 209 -13.93 -4.08 34.61
CA GLN D 209 -13.00 -5.15 34.94
C GLN D 209 -13.19 -6.31 33.97
N GLN D 210 -12.10 -7.05 33.75
CA GLN D 210 -12.20 -8.28 32.96
C GLN D 210 -12.54 -9.43 33.89
N THR D 211 -13.70 -10.04 33.67
CA THR D 211 -14.21 -11.07 34.55
C THR D 211 -13.68 -12.46 34.25
N THR D 212 -13.00 -12.64 33.12
CA THR D 212 -12.42 -13.92 32.76
C THR D 212 -11.24 -13.68 31.84
N THR D 213 -10.28 -14.59 31.88
CA THR D 213 -9.11 -14.53 31.01
C THR D 213 -8.86 -15.91 30.43
N PHE D 214 -8.57 -15.96 29.13
CA PHE D 214 -8.44 -17.22 28.39
C PHE D 214 -6.99 -17.33 27.92
N THR D 215 -6.21 -18.18 28.60
CA THR D 215 -4.78 -18.28 28.40
C THR D 215 -4.44 -19.69 27.93
N GLY D 216 -4.35 -19.88 26.61
CA GLY D 216 -3.77 -21.12 26.11
C GLY D 216 -2.83 -20.95 24.93
N HIS D 217 -2.85 -19.78 24.31
CA HIS D 217 -2.14 -19.57 23.06
C HIS D 217 -0.70 -19.16 23.33
N THR D 218 0.17 -19.47 22.37
CA THR D 218 1.57 -19.08 22.44
C THR D 218 1.94 -18.01 21.42
N GLY D 219 0.99 -17.56 20.60
CA GLY D 219 1.23 -16.49 19.66
C GLY D 219 0.15 -15.42 19.77
N ASP D 220 0.31 -14.38 18.94
CA ASP D 220 -0.69 -13.34 18.85
C ASP D 220 -2.04 -13.93 18.47
N VAL D 221 -3.07 -13.63 19.25
CA VAL D 221 -4.43 -13.98 18.86
C VAL D 221 -4.90 -12.96 17.83
N MET D 222 -5.21 -13.43 16.62
CA MET D 222 -5.51 -12.52 15.53
C MET D 222 -7.00 -12.34 15.27
N SER D 223 -7.83 -13.29 15.71
CA SER D 223 -9.24 -13.24 15.37
C SER D 223 -10.03 -14.10 16.35
N LEU D 224 -11.32 -13.83 16.42
CA LEU D 224 -12.23 -14.63 17.23
C LEU D 224 -13.62 -14.58 16.61
N SER D 225 -14.41 -15.60 16.92
CA SER D 225 -15.76 -15.71 16.40
C SER D 225 -16.66 -16.31 17.46
N LEU D 226 -17.80 -15.67 17.70
CA LEU D 226 -18.77 -16.14 18.67
C LEU D 226 -19.72 -17.14 18.03
N ALA D 227 -20.12 -18.14 18.83
CA ALA D 227 -21.13 -19.08 18.37
C ALA D 227 -22.50 -18.42 18.37
N PRO D 228 -23.41 -18.89 17.52
CA PRO D 228 -24.78 -18.35 17.52
C PRO D 228 -25.43 -18.33 18.90
N ASP D 229 -25.09 -19.27 19.79
CA ASP D 229 -25.62 -19.29 21.14
C ASP D 229 -24.80 -18.47 22.13
N THR D 230 -23.62 -17.99 21.72
CA THR D 230 -22.71 -17.18 22.53
C THR D 230 -22.32 -17.86 23.84
N ARG D 231 -22.44 -19.18 23.92
CA ARG D 231 -21.86 -19.92 25.03
C ARG D 231 -20.45 -20.39 24.73
N LEU D 232 -20.05 -20.36 23.47
CA LEU D 232 -18.72 -20.74 23.05
C LEU D 232 -18.19 -19.68 22.09
N PHE D 233 -16.86 -19.60 21.99
CA PHE D 233 -16.25 -18.83 20.93
C PHE D 233 -14.95 -19.52 20.53
N VAL D 234 -14.58 -19.36 19.28
CA VAL D 234 -13.36 -19.95 18.73
C VAL D 234 -12.40 -18.82 18.41
N SER D 235 -11.10 -19.10 18.53
CA SER D 235 -10.08 -18.08 18.37
C SER D 235 -8.84 -18.70 17.76
N GLY D 236 -8.30 -18.06 16.73
CA GLY D 236 -7.09 -18.52 16.06
C GLY D 236 -5.94 -17.58 16.36
N ALA D 237 -4.74 -18.14 16.43
CA ALA D 237 -3.56 -17.39 16.85
C ALA D 237 -2.44 -17.58 15.84
N CYS D 238 -1.30 -16.96 16.15
CA CYS D 238 -0.11 -17.04 15.32
C CYS D 238 0.71 -18.29 15.56
N ASP D 239 0.25 -19.19 16.42
CA ASP D 239 0.91 -20.48 16.62
C ASP D 239 0.36 -21.56 15.69
N ALA D 240 -0.49 -21.18 14.73
CA ALA D 240 -1.09 -22.08 13.75
C ALA D 240 -2.10 -23.04 14.38
N SER D 241 -2.77 -22.61 15.44
CA SER D 241 -3.76 -23.44 16.10
C SER D 241 -4.97 -22.60 16.47
N ALA D 242 -6.14 -23.24 16.48
CA ALA D 242 -7.38 -22.63 16.92
C ALA D 242 -7.88 -23.35 18.16
N LYS D 243 -8.60 -22.62 19.00
CA LYS D 243 -9.07 -23.15 20.27
C LYS D 243 -10.53 -22.79 20.48
N LEU D 244 -11.25 -23.69 21.12
CA LEU D 244 -12.67 -23.51 21.46
C LEU D 244 -12.77 -23.24 22.95
N TRP D 245 -13.37 -22.11 23.32
CA TRP D 245 -13.43 -21.67 24.69
C TRP D 245 -14.87 -21.65 25.20
N ASP D 246 -15.05 -22.09 26.44
CA ASP D 246 -16.31 -21.94 27.15
C ASP D 246 -16.33 -20.59 27.83
N VAL D 247 -17.33 -19.75 27.52
CA VAL D 247 -17.31 -18.38 28.00
C VAL D 247 -17.60 -18.33 29.50
N ARG D 248 -18.57 -19.10 29.97
CA ARG D 248 -18.99 -18.99 31.36
C ARG D 248 -18.08 -19.78 32.30
N GLU D 249 -17.46 -20.86 31.83
CA GLU D 249 -16.49 -21.54 32.67
C GLU D 249 -15.12 -20.87 32.59
N GLY D 250 -14.53 -20.83 31.39
CA GLY D 250 -13.28 -20.13 31.21
C GLY D 250 -12.12 -21.04 30.85
N MET D 251 -12.42 -22.19 30.26
CA MET D 251 -11.40 -23.17 29.92
C MET D 251 -11.38 -23.42 28.42
N CYS D 252 -10.36 -24.15 27.97
CA CYS D 252 -10.23 -24.57 26.59
C CYS D 252 -10.84 -25.95 26.43
N ARG D 253 -11.95 -26.03 25.68
CA ARG D 253 -12.58 -27.31 25.45
C ARG D 253 -11.75 -28.18 24.50
N GLN D 254 -11.44 -27.66 23.32
CA GLN D 254 -10.72 -28.40 22.31
C GLN D 254 -9.67 -27.50 21.66
N THR D 255 -8.73 -28.13 20.97
CA THR D 255 -7.67 -27.44 20.24
C THR D 255 -7.58 -28.06 18.85
N PHE D 256 -7.44 -27.21 17.84
CA PHE D 256 -7.55 -27.62 16.44
C PHE D 256 -6.28 -27.21 15.70
N THR D 257 -5.50 -28.19 15.31
CA THR D 257 -4.30 -27.97 14.49
C THR D 257 -4.57 -28.45 13.08
N GLY D 258 -3.62 -28.16 12.19
CA GLY D 258 -3.76 -28.53 10.80
C GLY D 258 -3.24 -27.48 9.84
N HIS D 259 -3.22 -26.23 10.27
CA HIS D 259 -2.63 -25.17 9.47
C HIS D 259 -1.12 -25.14 9.66
N GLU D 260 -0.41 -24.65 8.65
CA GLU D 260 1.04 -24.59 8.68
C GLU D 260 1.58 -23.24 9.09
N SER D 261 0.76 -22.19 9.06
CA SER D 261 1.23 -20.83 9.35
C SER D 261 0.17 -20.12 10.17
N ASP D 262 0.31 -18.80 10.25
CA ASP D 262 -0.50 -17.99 11.14
C ASP D 262 -1.95 -17.95 10.68
N ILE D 263 -2.87 -18.11 11.63
CA ILE D 263 -4.30 -18.02 11.35
C ILE D 263 -4.73 -16.56 11.47
N ASN D 264 -5.21 -16.00 10.36
CA ASN D 264 -5.62 -14.60 10.32
C ASN D 264 -7.11 -14.39 10.49
N ALA D 265 -7.94 -15.39 10.14
CA ALA D 265 -9.38 -15.22 10.14
C ALA D 265 -10.03 -16.52 10.61
N ILE D 266 -11.20 -16.38 11.22
CA ILE D 266 -11.94 -17.52 11.75
C ILE D 266 -13.41 -17.16 11.82
N CYS D 267 -14.26 -18.10 11.44
CA CYS D 267 -15.70 -17.88 11.35
C CYS D 267 -16.45 -19.16 11.65
N PHE D 268 -17.60 -19.05 12.31
CA PHE D 268 -18.45 -20.21 12.58
C PHE D 268 -19.36 -20.55 11.41
N PHE D 269 -19.62 -21.84 11.25
CA PHE D 269 -20.65 -22.31 10.36
C PHE D 269 -22.02 -21.95 10.93
N PRO D 270 -22.99 -21.60 10.09
CA PRO D 270 -24.27 -21.07 10.60
C PRO D 270 -24.95 -21.86 11.72
N ASN D 271 -24.69 -23.16 11.86
CA ASN D 271 -25.35 -23.94 12.88
C ASN D 271 -24.52 -24.11 14.15
N GLY D 272 -23.27 -23.65 14.15
CA GLY D 272 -22.47 -23.69 15.36
C GLY D 272 -21.75 -24.99 15.62
N ASN D 273 -21.64 -25.86 14.62
CA ASN D 273 -20.98 -27.15 14.77
C ASN D 273 -19.72 -27.28 13.94
N ALA D 274 -19.30 -26.21 13.27
CA ALA D 274 -18.07 -26.22 12.49
C ALA D 274 -17.63 -24.77 12.33
N PHE D 275 -16.36 -24.59 11.98
CA PHE D 275 -15.84 -23.25 11.79
C PHE D 275 -14.71 -23.28 10.77
N ALA D 276 -14.58 -22.20 10.01
CA ALA D 276 -13.57 -22.10 8.97
C ALA D 276 -12.47 -21.13 9.41
N THR D 277 -11.24 -21.44 8.99
CA THR D 277 -10.08 -20.63 9.33
C THR D 277 -9.34 -20.24 8.06
N GLY D 278 -8.74 -19.06 8.07
CA GLY D 278 -7.91 -18.59 6.97
C GLY D 278 -6.51 -18.29 7.45
N SER D 279 -5.52 -18.77 6.72
CA SER D 279 -4.14 -18.76 7.18
C SER D 279 -3.23 -18.10 6.16
N ASP D 280 -1.99 -17.85 6.61
CA ASP D 280 -0.94 -17.30 5.76
C ASP D 280 -0.37 -18.31 4.78
N ASP D 281 -0.68 -19.60 4.93
CA ASP D 281 -0.24 -20.62 4.00
C ASP D 281 -1.21 -20.81 2.84
N ALA D 282 -2.11 -19.86 2.62
CA ALA D 282 -2.93 -19.75 1.41
C ALA D 282 -4.02 -20.81 1.32
N THR D 283 -4.47 -21.34 2.45
CA THR D 283 -5.54 -22.33 2.46
C THR D 283 -6.57 -21.99 3.52
N CYS D 284 -7.76 -22.57 3.38
CA CYS D 284 -8.80 -22.56 4.40
C CYS D 284 -9.12 -23.99 4.80
N ARG D 285 -9.85 -24.13 5.91
CA ARG D 285 -10.15 -25.45 6.48
C ARG D 285 -11.50 -25.38 7.19
N LEU D 286 -12.09 -26.56 7.42
CA LEU D 286 -13.48 -26.61 7.88
C LEU D 286 -13.68 -27.06 9.32
N PHE D 287 -12.87 -27.98 9.85
CA PHE D 287 -12.73 -28.16 11.30
C PHE D 287 -14.08 -28.40 12.00
N ASP D 288 -14.66 -29.57 11.76
CA ASP D 288 -15.84 -29.97 12.53
C ASP D 288 -15.53 -29.99 14.02
N LEU D 289 -16.53 -29.67 14.84
CA LEU D 289 -16.33 -29.59 16.29
C LEU D 289 -16.57 -30.91 17.01
N ARG D 290 -17.63 -31.64 16.65
CA ARG D 290 -17.92 -32.89 17.33
C ARG D 290 -17.07 -34.05 16.82
N ALA D 291 -16.62 -33.99 15.58
CA ALA D 291 -15.62 -34.93 15.11
C ALA D 291 -14.21 -34.57 15.55
N ASP D 292 -14.01 -33.32 16.01
CA ASP D 292 -12.75 -32.89 16.63
C ASP D 292 -11.58 -32.96 15.65
N GLN D 293 -11.83 -32.67 14.37
CA GLN D 293 -10.78 -32.70 13.38
C GLN D 293 -11.21 -31.91 12.15
N GLU D 294 -10.30 -31.84 11.18
CA GLU D 294 -10.50 -31.05 9.97
C GLU D 294 -11.18 -31.88 8.89
N LEU D 295 -12.14 -31.27 8.21
CA LEU D 295 -12.93 -31.95 7.19
C LEU D 295 -12.49 -31.67 5.77
N MET D 296 -12.00 -30.47 5.48
CA MET D 296 -11.87 -30.05 4.08
C MET D 296 -10.86 -28.92 3.99
N THR D 297 -10.13 -28.88 2.88
CA THR D 297 -9.16 -27.84 2.61
C THR D 297 -9.54 -27.12 1.31
N TYR D 298 -9.52 -25.79 1.35
CA TYR D 298 -9.86 -24.95 0.21
C TYR D 298 -8.58 -24.29 -0.27
N SER D 299 -7.88 -24.95 -1.18
CA SER D 299 -6.62 -24.47 -1.72
C SER D 299 -6.68 -24.48 -3.24
N HIS D 300 -5.66 -23.91 -3.85
CA HIS D 300 -5.58 -23.80 -5.30
C HIS D 300 -4.15 -23.38 -5.64
N ASP D 301 -3.61 -23.95 -6.73
CA ASP D 301 -2.17 -23.87 -6.96
C ASP D 301 -1.70 -22.44 -7.22
N ASN D 302 -2.36 -21.72 -8.12
CA ASN D 302 -1.93 -20.36 -8.41
C ASN D 302 -2.33 -19.35 -7.34
N ILE D 303 -2.87 -19.81 -6.22
CA ILE D 303 -3.12 -18.96 -5.06
C ILE D 303 -1.97 -19.18 -4.09
N ILE D 304 -1.10 -18.19 -3.95
CA ILE D 304 0.05 -18.31 -3.06
C ILE D 304 0.13 -17.11 -2.12
N CYS D 305 -1.00 -16.45 -1.91
CA CYS D 305 -1.10 -15.35 -0.97
C CYS D 305 -1.96 -15.76 0.22
N GLY D 306 -1.81 -15.02 1.32
CA GLY D 306 -2.52 -15.35 2.53
C GLY D 306 -3.97 -14.86 2.52
N ILE D 307 -4.78 -15.52 3.34
CA ILE D 307 -6.17 -15.15 3.53
C ILE D 307 -6.27 -14.15 4.67
N THR D 308 -7.00 -13.07 4.45
CA THR D 308 -7.16 -12.03 5.45
C THR D 308 -8.49 -12.10 6.20
N SER D 309 -9.51 -12.68 5.58
CA SER D 309 -10.85 -12.70 6.18
C SER D 309 -11.66 -13.81 5.51
N VAL D 310 -12.61 -14.36 6.28
CA VAL D 310 -13.49 -15.43 5.81
C VAL D 310 -14.89 -15.19 6.34
N SER D 311 -15.88 -15.74 5.63
CA SER D 311 -17.26 -15.65 6.07
C SER D 311 -18.09 -16.66 5.30
N PHE D 312 -19.18 -17.09 5.91
CA PHE D 312 -20.14 -18.00 5.30
C PHE D 312 -21.36 -17.22 4.81
N SER D 313 -22.07 -17.81 3.86
CA SER D 313 -23.38 -17.29 3.50
C SER D 313 -24.41 -17.79 4.51
N LYS D 314 -25.65 -17.30 4.37
CA LYS D 314 -26.68 -17.60 5.36
C LYS D 314 -26.95 -19.10 5.45
N SER D 315 -26.92 -19.80 4.33
CA SER D 315 -27.15 -21.24 4.32
C SER D 315 -25.90 -22.03 4.67
N GLY D 316 -24.74 -21.39 4.73
CA GLY D 316 -23.50 -22.10 4.95
C GLY D 316 -22.94 -22.79 3.75
N ARG D 317 -23.54 -22.62 2.57
CA ARG D 317 -23.11 -23.36 1.39
C ARG D 317 -21.90 -22.70 0.74
N LEU D 318 -21.84 -21.39 0.74
CA LEU D 318 -20.70 -20.66 0.17
C LEU D 318 -19.78 -20.19 1.27
N LEU D 319 -18.48 -20.20 0.99
CA LEU D 319 -17.46 -19.71 1.91
C LEU D 319 -16.67 -18.62 1.19
N LEU D 320 -16.84 -17.38 1.63
CA LEU D 320 -16.16 -16.24 1.02
C LEU D 320 -14.87 -15.94 1.77
N ALA D 321 -13.82 -15.58 1.02
CA ALA D 321 -12.51 -15.40 1.62
C ALA D 321 -11.77 -14.28 0.93
N GLY D 322 -11.31 -13.30 1.70
CA GLY D 322 -10.48 -12.23 1.17
C GLY D 322 -9.01 -12.61 1.18
N TYR D 323 -8.30 -12.18 0.14
CA TYR D 323 -6.92 -12.58 -0.09
C TYR D 323 -6.01 -11.36 -0.14
N ASP D 324 -4.70 -11.64 -0.10
CA ASP D 324 -3.70 -10.60 -0.24
C ASP D 324 -3.51 -10.16 -1.69
N ASP D 325 -3.99 -10.93 -2.66
CA ASP D 325 -3.84 -10.61 -4.07
C ASP D 325 -4.95 -9.71 -4.59
N PHE D 326 -5.65 -9.01 -3.70
CA PHE D 326 -6.63 -7.95 -3.96
C PHE D 326 -7.99 -8.51 -4.32
N ASN D 327 -8.20 -9.82 -4.24
CA ASN D 327 -9.42 -10.45 -4.71
C ASN D 327 -10.10 -11.22 -3.58
N CYS D 328 -11.37 -11.55 -3.81
CA CYS D 328 -12.12 -12.46 -2.97
C CYS D 328 -12.53 -13.67 -3.79
N ASN D 329 -12.65 -14.81 -3.13
CA ASN D 329 -13.02 -16.06 -3.78
C ASN D 329 -14.26 -16.63 -3.10
N VAL D 330 -15.25 -17.01 -3.89
CA VAL D 330 -16.42 -17.71 -3.39
C VAL D 330 -16.17 -19.21 -3.52
N TRP D 331 -16.12 -19.89 -2.38
CA TRP D 331 -15.84 -21.32 -2.35
C TRP D 331 -17.13 -22.09 -2.11
N ASP D 332 -17.24 -23.23 -2.77
CA ASP D 332 -18.30 -24.20 -2.45
C ASP D 332 -17.88 -24.94 -1.19
N ALA D 333 -18.53 -24.64 -0.07
CA ALA D 333 -18.10 -25.17 1.22
C ALA D 333 -18.31 -26.67 1.35
N LEU D 334 -18.93 -27.32 0.38
CA LEU D 334 -19.16 -28.76 0.44
C LEU D 334 -18.39 -29.55 -0.61
N LYS D 335 -18.06 -28.94 -1.75
CA LYS D 335 -17.32 -29.61 -2.80
C LYS D 335 -15.87 -29.14 -2.93
N ALA D 336 -15.50 -28.07 -2.24
CA ALA D 336 -14.14 -27.50 -2.26
C ALA D 336 -13.75 -26.96 -3.62
N ASP D 337 -14.71 -26.74 -4.51
CA ASP D 337 -14.45 -26.11 -5.79
C ASP D 337 -14.76 -24.62 -5.71
N ARG D 338 -14.07 -23.84 -6.54
CA ARG D 338 -14.27 -22.40 -6.54
C ARG D 338 -15.45 -22.05 -7.44
N ALA D 339 -16.34 -21.19 -6.91
CA ALA D 339 -17.57 -20.84 -7.60
C ALA D 339 -17.55 -19.45 -8.23
N GLY D 340 -16.85 -18.48 -7.64
CA GLY D 340 -16.85 -17.14 -8.17
C GLY D 340 -15.67 -16.36 -7.65
N VAL D 341 -15.57 -15.11 -8.12
CA VAL D 341 -14.50 -14.20 -7.77
C VAL D 341 -15.09 -12.81 -7.62
N LEU D 342 -14.68 -12.10 -6.57
CA LEU D 342 -15.09 -10.72 -6.34
C LEU D 342 -13.87 -9.83 -6.58
N ALA D 343 -13.68 -9.44 -7.84
CA ALA D 343 -12.60 -8.55 -8.23
C ALA D 343 -13.13 -7.12 -8.34
N GLY D 344 -12.24 -6.16 -8.05
CA GLY D 344 -12.66 -4.78 -8.05
C GLY D 344 -12.00 -3.92 -6.99
N HIS D 345 -11.16 -4.51 -6.17
CA HIS D 345 -10.34 -3.75 -5.23
C HIS D 345 -8.94 -3.61 -5.80
N ASP D 346 -8.33 -2.46 -5.55
CA ASP D 346 -7.01 -2.15 -6.09
C ASP D 346 -5.89 -2.37 -5.08
N ASN D 347 -6.22 -2.64 -3.83
CA ASN D 347 -5.20 -2.97 -2.84
C ASN D 347 -5.63 -4.19 -2.04
N ARG D 348 -4.86 -4.50 -0.99
CA ARG D 348 -5.12 -5.66 -0.13
C ARG D 348 -6.54 -5.64 0.42
N VAL D 349 -7.22 -6.78 0.33
CA VAL D 349 -8.55 -6.92 0.92
C VAL D 349 -8.37 -7.24 2.40
N SER D 350 -8.80 -6.32 3.25
CA SER D 350 -8.51 -6.40 4.67
C SER D 350 -9.66 -6.95 5.51
N CYS D 351 -10.90 -6.65 5.15
CA CYS D 351 -12.04 -7.09 5.91
C CYS D 351 -13.14 -7.56 4.96
N LEU D 352 -14.09 -8.30 5.51
CA LEU D 352 -15.13 -8.93 4.72
C LEU D 352 -16.28 -9.39 5.62
N GLY D 353 -17.51 -9.00 5.28
CA GLY D 353 -18.64 -9.36 6.10
C GLY D 353 -19.92 -9.60 5.33
N VAL D 354 -20.53 -10.74 5.56
CA VAL D 354 -21.83 -11.07 4.99
C VAL D 354 -22.90 -10.62 5.96
N THR D 355 -23.94 -9.98 5.44
CA THR D 355 -24.93 -9.35 6.31
C THR D 355 -25.80 -10.40 6.99
N ASP D 356 -26.59 -9.93 7.95
CA ASP D 356 -27.25 -10.84 8.89
C ASP D 356 -28.37 -11.64 8.24
N ASP D 357 -29.09 -11.05 7.28
CA ASP D 357 -30.12 -11.78 6.56
C ASP D 357 -29.62 -12.38 5.26
N GLY D 358 -28.33 -12.26 4.96
CA GLY D 358 -27.75 -12.93 3.81
C GLY D 358 -28.01 -12.26 2.49
N MET D 359 -28.30 -10.96 2.48
CA MET D 359 -28.69 -10.27 1.25
C MET D 359 -27.54 -9.51 0.60
N ALA D 360 -26.43 -9.29 1.29
CA ALA D 360 -25.32 -8.58 0.67
C ALA D 360 -24.03 -8.95 1.37
N VAL D 361 -22.93 -8.74 0.65
CA VAL D 361 -21.58 -8.89 1.17
C VAL D 361 -20.90 -7.54 1.13
N ALA D 362 -20.14 -7.22 2.16
CA ALA D 362 -19.36 -5.99 2.20
C ALA D 362 -17.89 -6.34 2.34
N THR D 363 -17.05 -5.72 1.52
CA THR D 363 -15.61 -5.88 1.61
C THR D 363 -14.96 -4.52 1.76
N GLY D 364 -14.02 -4.42 2.70
CA GLY D 364 -13.19 -3.24 2.78
C GLY D 364 -11.78 -3.59 2.33
N SER D 365 -10.98 -2.59 1.98
CA SER D 365 -9.66 -2.83 1.48
C SER D 365 -8.71 -1.76 1.96
N TRP D 366 -7.42 -1.96 1.69
CA TRP D 366 -6.42 -0.97 2.01
C TRP D 366 -6.43 0.21 1.05
N ASP D 367 -7.21 0.14 -0.03
CA ASP D 367 -7.43 1.27 -0.92
C ASP D 367 -8.44 2.28 -0.38
N SER D 368 -8.98 2.03 0.82
CA SER D 368 -9.85 2.93 1.57
C SER D 368 -11.26 3.00 1.02
N PHE D 369 -11.72 1.95 0.33
CA PHE D 369 -13.08 1.89 -0.17
C PHE D 369 -13.80 0.68 0.40
N LEU D 370 -15.09 0.85 0.69
CA LEU D 370 -15.99 -0.24 1.04
C LEU D 370 -16.90 -0.49 -0.16
N LYS D 371 -17.06 -1.76 -0.52
CA LYS D 371 -17.94 -2.15 -1.60
C LYS D 371 -18.97 -3.14 -1.08
N ILE D 372 -20.17 -3.09 -1.66
CA ILE D 372 -21.27 -3.96 -1.27
C ILE D 372 -21.71 -4.73 -2.50
N TRP D 373 -21.62 -6.05 -2.44
CA TRP D 373 -21.89 -6.93 -3.55
C TRP D 373 -23.22 -7.64 -3.35
N ASN D 374 -23.75 -8.18 -4.44
CA ASN D 374 -25.06 -8.82 -4.43
C ASN D 374 -25.23 -9.76 -5.60
N THR E 6 13.77 -26.14 37.68
CA THR E 6 13.53 -24.90 36.96
C THR E 6 12.06 -24.53 37.00
N ALA E 7 11.77 -23.25 37.24
CA ALA E 7 10.40 -22.77 37.27
C ALA E 7 9.76 -22.74 35.89
N SER E 8 10.53 -22.98 34.83
CA SER E 8 10.00 -23.03 33.48
C SER E 8 9.15 -24.27 33.22
N ILE E 9 9.18 -25.25 34.13
CA ILE E 9 8.40 -26.47 33.94
C ILE E 9 6.94 -26.30 34.30
N ALA E 10 6.56 -25.14 34.81
CA ALA E 10 5.15 -24.89 35.13
C ALA E 10 4.30 -24.88 33.86
N GLN E 11 4.83 -24.34 32.77
CA GLN E 11 4.08 -24.34 31.52
C GLN E 11 3.99 -25.74 30.93
N ALA E 12 5.00 -26.58 31.16
CA ALA E 12 4.88 -27.98 30.75
C ALA E 12 3.85 -28.72 31.59
N ARG E 13 3.77 -28.39 32.89
CA ARG E 13 2.73 -28.97 33.72
C ARG E 13 1.35 -28.58 33.21
N LYS E 14 1.15 -27.28 32.92
CA LYS E 14 -0.12 -26.84 32.38
C LYS E 14 -0.42 -27.52 31.04
N LEU E 15 0.59 -27.68 30.18
CA LEU E 15 0.38 -28.29 28.88
C LEU E 15 -0.04 -29.74 29.01
N VAL E 16 0.62 -30.50 29.89
CA VAL E 16 0.25 -31.91 30.02
C VAL E 16 -1.10 -32.04 30.71
N GLU E 17 -1.42 -31.16 31.66
CA GLU E 17 -2.73 -31.21 32.29
C GLU E 17 -3.83 -30.90 31.28
N GLN E 18 -3.58 -29.95 30.38
CA GLN E 18 -4.57 -29.62 29.35
C GLN E 18 -4.72 -30.76 28.37
N LEU E 19 -3.61 -31.33 27.90
CA LEU E 19 -3.68 -32.47 26.98
C LEU E 19 -4.33 -33.69 27.62
N LYS E 20 -4.28 -33.80 28.95
CA LYS E 20 -5.01 -34.87 29.63
C LYS E 20 -6.47 -34.53 29.87
N MET E 21 -6.81 -33.24 29.95
CA MET E 21 -8.22 -32.88 30.06
C MET E 21 -8.94 -33.03 28.73
N GLU E 22 -8.25 -32.76 27.62
CA GLU E 22 -8.72 -33.26 26.34
C GLU E 22 -8.45 -34.76 26.27
N ALA E 23 -8.83 -35.38 25.14
CA ALA E 23 -8.87 -36.82 24.94
C ALA E 23 -9.94 -37.48 25.80
N ASN E 24 -10.62 -36.74 26.65
CA ASN E 24 -11.82 -37.19 27.32
C ASN E 24 -13.08 -36.90 26.50
N ILE E 25 -12.92 -36.24 25.35
CA ILE E 25 -14.05 -35.83 24.54
C ILE E 25 -14.61 -37.06 23.83
N ASP E 26 -15.94 -37.09 23.68
CA ASP E 26 -16.61 -38.12 22.89
C ASP E 26 -16.75 -37.60 21.47
N ARG E 27 -16.04 -38.23 20.54
CA ARG E 27 -16.04 -37.83 19.13
C ARG E 27 -16.99 -38.71 18.35
N ILE E 28 -17.83 -38.09 17.54
CA ILE E 28 -18.70 -38.82 16.61
C ILE E 28 -17.89 -39.18 15.38
N LYS E 29 -18.43 -40.05 14.54
CA LYS E 29 -17.77 -40.38 13.29
C LYS E 29 -17.80 -39.19 12.33
N VAL E 30 -16.82 -39.16 11.42
CA VAL E 30 -16.73 -38.04 10.48
C VAL E 30 -17.88 -38.09 9.49
N SER E 31 -18.33 -39.29 9.13
CA SER E 31 -19.44 -39.41 8.20
C SER E 31 -20.71 -38.76 8.74
N LYS E 32 -20.97 -38.93 10.03
CA LYS E 32 -22.17 -38.34 10.63
C LYS E 32 -22.10 -36.82 10.61
N ALA E 33 -20.94 -36.25 10.93
CA ALA E 33 -20.79 -34.80 10.92
C ALA E 33 -20.89 -34.24 9.51
N ALA E 34 -20.31 -34.94 8.53
CA ALA E 34 -20.46 -34.54 7.14
C ALA E 34 -21.92 -34.55 6.72
N ALA E 35 -22.64 -35.61 7.08
CA ALA E 35 -24.06 -35.69 6.75
C ALA E 35 -24.86 -34.59 7.41
N ASP E 36 -24.49 -34.21 8.63
CA ASP E 36 -25.21 -33.14 9.32
C ASP E 36 -24.97 -31.80 8.65
N LEU E 37 -23.73 -31.51 8.27
CA LEU E 37 -23.44 -30.28 7.54
C LEU E 37 -24.22 -30.24 6.23
N MET E 38 -24.25 -31.35 5.50
CA MET E 38 -24.97 -31.40 4.24
C MET E 38 -26.47 -31.22 4.44
N ALA E 39 -27.02 -31.85 5.48
CA ALA E 39 -28.44 -31.70 5.77
C ALA E 39 -28.80 -30.26 6.12
N TYR E 40 -27.94 -29.59 6.89
CA TYR E 40 -28.19 -28.18 7.19
C TYR E 40 -28.13 -27.33 5.93
N CYS E 41 -27.10 -27.54 5.09
CA CYS E 41 -27.00 -26.76 3.86
C CYS E 41 -28.18 -27.00 2.94
N GLU E 42 -28.80 -28.18 3.00
CA GLU E 42 -29.91 -28.49 2.11
C GLU E 42 -31.26 -28.09 2.68
N ALA E 43 -31.39 -27.95 4.00
CA ALA E 43 -32.64 -27.47 4.56
C ALA E 43 -32.81 -25.97 4.47
N HIS E 44 -31.77 -25.23 4.05
CA HIS E 44 -31.79 -23.78 4.04
C HIS E 44 -31.34 -23.20 2.70
N ALA E 45 -31.44 -23.97 1.62
CA ALA E 45 -30.92 -23.50 0.35
C ALA E 45 -31.74 -22.36 -0.25
N LYS E 46 -33.05 -22.35 -0.01
CA LYS E 46 -33.90 -21.33 -0.62
C LYS E 46 -33.76 -19.97 0.06
N GLU E 47 -33.52 -19.95 1.37
CA GLU E 47 -33.40 -18.71 2.11
C GLU E 47 -32.01 -18.08 2.02
N ASP E 48 -31.19 -18.49 1.06
CA ASP E 48 -29.87 -17.90 0.88
C ASP E 48 -29.91 -16.97 -0.33
N PRO E 49 -30.00 -15.64 -0.13
CA PRO E 49 -30.10 -14.73 -1.26
C PRO E 49 -28.83 -14.60 -2.10
N LEU E 50 -27.75 -15.30 -1.77
CA LEU E 50 -26.56 -15.32 -2.59
C LEU E 50 -26.41 -16.60 -3.40
N LEU E 51 -26.86 -17.72 -2.84
CA LEU E 51 -26.88 -18.96 -3.60
C LEU E 51 -27.96 -18.94 -4.66
N THR E 52 -29.15 -18.43 -4.31
CA THR E 52 -30.24 -18.23 -5.27
C THR E 52 -30.68 -16.77 -5.16
N PRO E 53 -30.23 -15.92 -6.08
CA PRO E 53 -30.56 -14.49 -5.97
C PRO E 53 -32.06 -14.23 -6.07
N VAL E 54 -32.49 -13.15 -5.43
CA VAL E 54 -33.90 -12.77 -5.42
C VAL E 54 -34.17 -11.85 -6.62
N PRO E 55 -35.41 -11.74 -7.09
CA PRO E 55 -35.70 -10.79 -8.17
C PRO E 55 -35.41 -9.37 -7.74
N ALA E 56 -35.07 -8.53 -8.72
CA ALA E 56 -34.69 -7.15 -8.47
C ALA E 56 -35.82 -6.33 -7.89
N SER E 57 -37.01 -6.92 -7.78
CA SER E 57 -38.14 -6.23 -7.19
C SER E 57 -38.07 -6.20 -5.66
N GLU E 58 -37.45 -7.22 -5.07
CA GLU E 58 -37.35 -7.34 -3.61
C GLU E 58 -35.89 -7.35 -3.15
N ASN E 59 -35.01 -6.71 -3.94
CA ASN E 59 -33.62 -6.55 -3.56
C ASN E 59 -33.42 -5.13 -3.06
N PRO E 60 -33.10 -4.94 -1.77
CA PRO E 60 -32.97 -3.57 -1.25
C PRO E 60 -31.73 -2.83 -1.74
N PHE E 61 -30.82 -3.49 -2.44
CA PHE E 61 -29.61 -2.86 -2.95
C PHE E 61 -29.70 -2.59 -4.45
N ARG E 62 -30.90 -2.41 -4.97
CA ARG E 62 -31.10 -2.04 -6.36
C ARG E 62 -32.51 -1.51 -6.59
N GLN F 1 0.15 -30.69 12.41
CA GLN F 1 0.85 -29.85 13.38
C GLN F 1 2.31 -29.65 12.98
N VAL F 2 2.81 -28.43 13.18
CA VAL F 2 4.19 -28.11 12.87
C VAL F 2 5.06 -28.55 14.03
N GLN F 3 6.10 -29.33 13.73
CA GLN F 3 7.03 -29.77 14.76
C GLN F 3 8.41 -29.96 14.15
N LEU F 4 9.43 -29.59 14.93
CA LEU F 4 10.83 -29.69 14.50
C LEU F 4 11.59 -30.44 15.58
N GLN F 5 12.43 -31.39 15.17
CA GLN F 5 13.14 -32.26 16.11
C GLN F 5 14.62 -32.29 15.73
N GLU F 6 15.45 -31.70 16.59
CA GLU F 6 16.89 -31.66 16.36
C GLU F 6 17.58 -32.84 17.02
N SER F 7 18.78 -33.14 16.54
CA SER F 7 19.56 -34.25 17.07
C SER F 7 21.05 -33.95 16.93
N GLY F 8 21.78 -34.16 18.01
CA GLY F 8 23.21 -33.89 18.06
C GLY F 8 23.58 -33.34 19.42
N GLY F 9 24.58 -33.92 20.07
CA GLY F 9 24.86 -33.59 21.45
C GLY F 9 26.34 -33.57 21.74
N GLY F 10 26.67 -32.98 22.89
CA GLY F 10 28.04 -32.98 23.35
C GLY F 10 28.38 -34.23 24.12
N LEU F 11 29.60 -34.26 24.65
CA LEU F 11 30.50 -33.12 24.52
C LEU F 11 31.65 -33.49 23.61
N VAL F 12 32.09 -32.54 22.80
CA VAL F 12 33.19 -32.73 21.87
C VAL F 12 34.37 -31.90 22.35
N GLN F 13 35.57 -32.42 22.18
CA GLN F 13 36.77 -31.68 22.57
C GLN F 13 37.01 -30.53 21.59
N PRO F 14 37.67 -29.46 22.04
CA PRO F 14 37.94 -28.33 21.15
C PRO F 14 38.72 -28.77 19.93
N GLY F 15 38.27 -28.32 18.76
CA GLY F 15 38.82 -28.76 17.49
C GLY F 15 38.05 -29.89 16.84
N GLY F 16 37.12 -30.51 17.54
CA GLY F 16 36.34 -31.60 17.00
C GLY F 16 35.28 -31.13 16.03
N SER F 17 34.29 -31.99 15.81
CA SER F 17 33.26 -31.73 14.82
C SER F 17 32.05 -32.60 15.11
N LEU F 18 30.87 -32.03 14.88
CA LEU F 18 29.62 -32.76 14.99
C LEU F 18 28.63 -32.16 14.01
N ARG F 19 27.64 -32.97 13.63
CA ARG F 19 26.68 -32.63 12.57
C ARG F 19 25.28 -32.64 13.16
N LEU F 20 24.69 -31.45 13.30
CA LEU F 20 23.31 -31.33 13.74
C LEU F 20 22.35 -31.60 12.59
N SER F 21 21.21 -32.20 12.92
CA SER F 21 20.18 -32.51 11.95
C SER F 21 18.81 -32.20 12.56
N CYS F 22 17.86 -31.89 11.69
CA CYS F 22 16.50 -31.58 12.14
C CYS F 22 15.50 -32.21 11.19
N ALA F 23 14.56 -32.97 11.75
CA ALA F 23 13.51 -33.63 10.98
C ALA F 23 12.24 -32.79 11.06
N ALA F 24 11.86 -32.19 9.94
CA ALA F 24 10.65 -31.37 9.87
C ALA F 24 9.43 -32.24 9.63
N SER F 25 8.28 -31.73 10.05
CA SER F 25 7.03 -32.48 9.96
C SER F 25 5.86 -31.53 10.14
N GLY F 26 4.86 -31.66 9.26
CA GLY F 26 3.64 -30.89 9.38
C GLY F 26 3.50 -29.72 8.43
N PHE F 27 4.42 -29.56 7.48
CA PHE F 27 4.36 -28.44 6.55
C PHE F 27 5.15 -28.79 5.31
N THR F 28 4.92 -28.03 4.24
CA THR F 28 5.64 -28.20 2.99
C THR F 28 7.04 -27.64 3.15
N PHE F 29 8.00 -28.53 3.44
CA PHE F 29 9.36 -28.10 3.77
C PHE F 29 9.99 -27.26 2.68
N SER F 30 9.56 -27.44 1.43
CA SER F 30 10.21 -26.80 0.30
C SER F 30 9.83 -25.34 0.12
N ASN F 31 8.80 -24.86 0.81
CA ASN F 31 8.33 -23.50 0.61
C ASN F 31 8.91 -22.50 1.61
N TYR F 32 9.71 -22.95 2.57
CA TYR F 32 10.11 -22.11 3.70
C TYR F 32 11.62 -21.96 3.76
N LYS F 33 12.06 -20.78 4.19
CA LYS F 33 13.44 -20.56 4.55
C LYS F 33 13.69 -21.06 5.97
N MET F 34 14.80 -21.75 6.18
CA MET F 34 15.12 -22.35 7.46
C MET F 34 16.34 -21.68 8.07
N ASN F 35 16.36 -21.61 9.40
CA ASN F 35 17.43 -20.97 10.13
C ASN F 35 17.95 -21.88 11.23
N TRP F 36 19.15 -21.59 11.70
CA TRP F 36 19.68 -22.16 12.93
C TRP F 36 19.88 -21.04 13.94
N VAL F 37 19.46 -21.29 15.17
CA VAL F 37 19.50 -20.30 16.24
C VAL F 37 20.07 -20.98 17.47
N ARG F 38 20.79 -20.23 18.29
CA ARG F 38 21.42 -20.81 19.46
C ARG F 38 21.28 -19.86 20.65
N GLN F 39 21.38 -20.44 21.84
CA GLN F 39 21.29 -19.70 23.10
C GLN F 39 22.45 -20.11 23.99
N ALA F 40 23.41 -19.21 24.16
CA ALA F 40 24.53 -19.49 25.04
C ALA F 40 24.08 -19.43 26.50
N PRO F 41 24.77 -20.13 27.39
CA PRO F 41 24.36 -20.13 28.81
C PRO F 41 24.46 -18.74 29.42
N GLY F 42 23.31 -18.21 29.84
CA GLY F 42 23.26 -16.89 30.43
C GLY F 42 23.15 -15.76 29.44
N LYS F 43 22.63 -16.02 28.24
CA LYS F 43 22.48 -14.99 27.23
C LYS F 43 21.16 -15.21 26.50
N GLY F 44 20.87 -14.33 25.54
CA GLY F 44 19.67 -14.45 24.74
C GLY F 44 19.89 -15.31 23.51
N LEU F 45 18.79 -15.52 22.79
CA LEU F 45 18.86 -16.24 21.53
C LEU F 45 19.51 -15.38 20.47
N GLU F 46 20.44 -15.99 19.70
CA GLU F 46 21.12 -15.29 18.64
C GLU F 46 21.10 -16.13 17.37
N TRP F 47 21.04 -15.46 16.23
CA TRP F 47 20.91 -16.11 14.94
C TRP F 47 22.27 -16.58 14.44
N VAL F 48 22.29 -17.80 13.91
CA VAL F 48 23.53 -18.46 13.47
C VAL F 48 23.65 -18.47 11.95
N SER F 49 22.66 -19.04 11.26
CA SER F 49 22.73 -19.24 9.83
C SER F 49 21.32 -19.43 9.28
N ASP F 50 21.18 -19.27 7.97
CA ASP F 50 19.91 -19.53 7.32
C ASP F 50 20.13 -19.92 5.87
N ILE F 51 19.18 -20.69 5.33
CA ILE F 51 19.21 -21.18 3.97
C ILE F 51 17.85 -20.94 3.33
N SER F 52 17.83 -20.74 2.03
CA SER F 52 16.61 -20.37 1.32
C SER F 52 15.88 -21.65 0.87
N GLN F 53 14.80 -21.46 0.11
CA GLN F 53 13.94 -22.59 -0.27
C GLN F 53 14.69 -23.61 -1.10
N SER F 54 15.31 -23.17 -2.19
CA SER F 54 16.04 -24.09 -3.06
C SER F 54 17.38 -24.50 -2.45
N GLY F 55 18.02 -23.61 -1.70
CA GLY F 55 19.34 -23.85 -1.16
C GLY F 55 20.42 -22.96 -1.75
N ALA F 56 20.05 -22.01 -2.62
CA ALA F 56 21.05 -21.19 -3.27
C ALA F 56 21.59 -20.13 -2.32
N SER F 57 20.71 -19.29 -1.78
CA SER F 57 21.13 -18.24 -0.86
C SER F 57 21.47 -18.85 0.50
N ILE F 58 22.65 -18.51 1.00
CA ILE F 58 23.15 -19.02 2.28
C ILE F 58 23.82 -17.87 3.00
N SER F 59 23.61 -17.78 4.30
CA SER F 59 24.17 -16.67 5.07
C SER F 59 24.56 -17.16 6.45
N TYR F 60 25.68 -16.67 6.96
CA TYR F 60 26.18 -17.04 8.27
C TYR F 60 26.40 -15.79 9.10
N THR F 61 26.39 -15.97 10.42
CA THR F 61 26.78 -14.90 11.31
C THR F 61 28.30 -14.69 11.21
N GLY F 62 28.80 -13.71 11.94
CA GLY F 62 30.20 -13.33 11.78
C GLY F 62 31.16 -14.39 12.28
N SER F 63 30.93 -14.91 13.48
CA SER F 63 31.91 -15.73 14.16
C SER F 63 31.81 -17.21 13.82
N VAL F 64 31.10 -17.58 12.76
CA VAL F 64 31.03 -18.98 12.36
C VAL F 64 31.34 -19.10 10.88
N LYS F 65 31.43 -17.96 10.20
CA LYS F 65 31.66 -17.96 8.75
C LYS F 65 32.99 -18.63 8.43
N GLY F 66 32.93 -19.76 7.73
CA GLY F 66 34.10 -20.54 7.38
C GLY F 66 34.14 -21.89 8.07
N ARG F 67 33.60 -21.99 9.29
CA ARG F 67 33.62 -23.23 10.05
C ARG F 67 32.35 -24.05 9.88
N PHE F 68 31.19 -23.42 9.86
CA PHE F 68 29.92 -24.13 9.78
C PHE F 68 29.46 -24.23 8.33
N THR F 69 28.65 -25.26 8.06
CA THR F 69 28.05 -25.46 6.74
C THR F 69 26.61 -25.87 6.92
N ILE F 70 25.70 -25.14 6.30
CA ILE F 70 24.27 -25.42 6.36
C ILE F 70 23.84 -26.01 5.02
N SER F 71 22.89 -26.95 5.08
CA SER F 71 22.37 -27.60 3.89
C SER F 71 21.05 -28.26 4.23
N ARG F 72 20.21 -28.42 3.21
CA ARG F 72 18.89 -28.98 3.40
C ARG F 72 18.60 -30.05 2.35
N ASP F 73 17.79 -31.02 2.72
CA ASP F 73 17.36 -32.10 1.82
C ASP F 73 15.85 -31.97 1.67
N ASN F 74 15.40 -31.33 0.58
CA ASN F 74 13.99 -31.07 0.40
C ASN F 74 13.19 -32.36 0.25
N ALA F 75 13.81 -33.42 -0.29
CA ALA F 75 13.10 -34.67 -0.45
C ALA F 75 12.82 -35.33 0.89
N LYS F 76 13.82 -35.38 1.77
CA LYS F 76 13.69 -36.02 3.06
C LYS F 76 13.25 -35.06 4.17
N ASN F 77 12.96 -33.80 3.84
CA ASN F 77 12.48 -32.82 4.81
C ASN F 77 13.44 -32.68 6.00
N THR F 78 14.71 -32.43 5.68
CA THR F 78 15.74 -32.43 6.71
C THR F 78 16.68 -31.24 6.52
N LEU F 79 17.16 -30.69 7.63
CA LEU F 79 18.09 -29.59 7.65
C LEU F 79 19.34 -29.99 8.43
N TYR F 80 20.51 -29.65 7.90
CA TYR F 80 21.78 -30.04 8.50
C TYR F 80 22.64 -28.81 8.80
N LEU F 81 23.41 -28.91 9.88
CA LEU F 81 24.46 -27.95 10.20
C LEU F 81 25.73 -28.74 10.52
N GLN F 82 26.76 -28.54 9.71
CA GLN F 82 28.03 -29.23 9.88
C GLN F 82 28.99 -28.29 10.61
N MET F 83 29.23 -28.56 11.88
CA MET F 83 30.03 -27.69 12.73
C MET F 83 31.44 -28.26 12.83
N ASN F 84 32.41 -27.52 12.31
CA ASN F 84 33.82 -27.92 12.36
C ASN F 84 34.61 -26.88 13.14
N SER F 85 35.76 -27.33 13.66
CA SER F 85 36.69 -26.48 14.41
C SER F 85 35.97 -25.74 15.53
N LEU F 86 35.46 -26.52 16.48
CA LEU F 86 34.61 -25.97 17.52
C LEU F 86 35.46 -25.35 18.64
N LYS F 87 35.00 -24.19 19.12
CA LYS F 87 35.64 -23.42 20.17
C LYS F 87 34.76 -23.38 21.42
N PRO F 88 35.35 -23.22 22.60
CA PRO F 88 34.57 -23.28 23.84
C PRO F 88 33.46 -22.24 23.95
N GLU F 89 33.42 -21.23 23.09
CA GLU F 89 32.32 -20.28 23.06
C GLU F 89 31.17 -20.72 22.16
N ASP F 90 31.24 -21.95 21.63
CA ASP F 90 30.14 -22.53 20.88
C ASP F 90 29.22 -23.36 21.76
N THR F 91 29.49 -23.44 23.05
CA THR F 91 28.60 -24.10 23.99
C THR F 91 27.27 -23.36 24.05
N ALA F 92 26.21 -23.99 23.55
CA ALA F 92 24.90 -23.37 23.48
C ALA F 92 23.89 -24.44 23.06
N VAL F 93 22.63 -24.19 23.36
CA VAL F 93 21.53 -25.01 22.87
C VAL F 93 21.15 -24.48 21.49
N TYR F 94 21.17 -25.35 20.49
CA TYR F 94 20.92 -24.96 19.11
C TYR F 94 19.51 -25.35 18.71
N TYR F 95 18.73 -24.38 18.25
CA TYR F 95 17.36 -24.60 17.79
C TYR F 95 17.29 -24.43 16.29
N CYS F 96 16.51 -25.28 15.64
CA CYS F 96 16.15 -25.05 14.25
C CYS F 96 14.84 -24.28 14.19
N ALA F 97 14.84 -23.17 13.44
CA ALA F 97 13.69 -22.31 13.33
C ALA F 97 13.22 -22.26 11.88
N ARG F 98 11.93 -22.01 11.70
CA ARG F 98 11.31 -21.92 10.39
C ARG F 98 10.82 -20.51 10.15
N CYS F 99 10.92 -20.04 8.91
CA CYS F 99 10.34 -18.77 8.55
C CYS F 99 8.84 -18.81 8.83
N PRO F 100 8.24 -17.72 9.30
CA PRO F 100 6.81 -17.77 9.67
C PRO F 100 5.87 -18.06 8.51
N ALA F 101 6.22 -17.67 7.28
CA ALA F 101 5.32 -17.80 6.16
C ALA F 101 6.09 -18.26 4.93
N PRO F 102 5.42 -18.88 3.96
CA PRO F 102 6.10 -19.38 2.77
C PRO F 102 6.20 -18.33 1.66
N PHE F 103 7.18 -18.57 0.78
CA PHE F 103 7.42 -17.73 -0.40
C PHE F 103 7.80 -16.31 -0.04
N THR F 104 8.47 -16.14 1.09
CA THR F 104 8.83 -14.82 1.58
C THR F 104 10.34 -14.67 1.68
N ARG F 105 10.79 -13.43 1.72
CA ARG F 105 12.20 -13.08 1.86
C ARG F 105 12.59 -12.80 3.31
N ASP F 106 11.71 -12.19 4.08
CA ASP F 106 11.99 -11.77 5.44
C ASP F 106 11.70 -12.89 6.43
N CYS F 107 12.09 -12.67 7.69
CA CYS F 107 11.80 -13.59 8.77
C CYS F 107 12.00 -12.85 10.10
N PHE F 108 11.18 -13.21 11.08
CA PHE F 108 11.10 -12.53 12.37
C PHE F 108 11.20 -13.54 13.52
N ASP F 109 12.19 -14.44 13.47
CA ASP F 109 12.14 -15.67 14.25
C ASP F 109 13.31 -15.86 15.20
N VAL F 110 13.96 -14.80 15.64
CA VAL F 110 14.98 -14.90 16.67
C VAL F 110 14.41 -14.50 18.04
N THR F 111 13.08 -14.46 18.16
CA THR F 111 12.42 -13.96 19.35
C THR F 111 12.86 -14.75 20.58
N SER F 112 13.56 -14.07 21.49
CA SER F 112 14.26 -14.71 22.59
C SER F 112 13.31 -15.43 23.54
N THR F 113 12.01 -15.37 23.26
CA THR F 113 11.02 -15.99 24.12
C THR F 113 9.76 -16.25 23.30
N THR F 114 9.30 -17.50 23.29
CA THR F 114 7.99 -17.88 22.76
C THR F 114 7.84 -17.49 21.29
N TYR F 115 8.62 -18.16 20.46
CA TYR F 115 8.38 -18.23 19.02
C TYR F 115 7.89 -19.63 18.67
N ALA F 116 6.83 -19.71 17.87
CA ALA F 116 6.03 -20.92 17.78
C ALA F 116 6.67 -21.98 16.89
N TYR F 117 7.30 -21.60 15.79
CA TYR F 117 7.80 -22.54 14.80
C TYR F 117 9.27 -22.86 14.98
N ARG F 118 9.71 -22.93 16.23
CA ARG F 118 11.08 -23.26 16.57
C ARG F 118 11.12 -24.60 17.29
N GLY F 119 12.17 -25.37 17.04
CA GLY F 119 12.36 -26.62 17.73
C GLY F 119 12.61 -26.43 19.21
N GLN F 120 12.84 -27.56 19.89
CA GLN F 120 13.10 -27.54 21.32
C GLN F 120 14.59 -27.60 21.66
N GLY F 121 15.45 -27.77 20.66
CA GLY F 121 16.88 -27.58 20.84
C GLY F 121 17.61 -28.88 21.13
N THR F 122 18.93 -28.78 21.01
CA THR F 122 19.83 -29.88 21.36
C THR F 122 21.13 -29.28 21.88
N GLN F 123 21.60 -29.77 23.01
CA GLN F 123 22.73 -29.16 23.69
C GLN F 123 24.05 -29.52 23.02
N VAL F 124 24.92 -28.54 22.88
CA VAL F 124 26.27 -28.71 22.35
C VAL F 124 27.24 -28.14 23.36
N THR F 125 28.21 -28.94 23.78
CA THR F 125 29.19 -28.54 24.79
C THR F 125 30.59 -28.79 24.22
N VAL F 126 31.39 -27.74 24.15
CA VAL F 126 32.75 -27.84 23.62
C VAL F 126 33.77 -27.68 24.74
C1 PLM G . 1.63 29.04 -5.50
O1 PLM G . 2.80 29.16 -4.88
O2 PLM G . 0.60 29.03 -4.87
C2 PLM G . 1.58 28.92 -7.01
C3 PLM G . 1.61 30.31 -7.64
C4 PLM G . 0.76 30.28 -8.91
C5 PLM G . 1.51 30.93 -10.07
C6 PLM G . 0.66 30.79 -11.34
C7 PLM G . 1.41 31.34 -12.55
C8 PLM G . 1.07 30.47 -13.77
C9 PLM G . 1.04 31.30 -15.04
CA PLM G . 0.66 30.40 -16.22
CB PLM G . -0.10 31.21 -17.27
CC PLM G . 0.79 32.34 -17.80
CD PLM G . 0.05 33.05 -18.94
CE PLM G . 0.94 33.07 -20.19
CF PLM G . 0.14 33.63 -21.36
CG PLM G . 0.96 33.49 -22.64
C1 CLR H . -12.77 22.07 -13.86
C2 CLR H . -12.02 21.58 -12.62
C3 CLR H . -11.37 20.23 -12.89
C4 CLR H . -10.32 20.38 -13.99
C5 CLR H . -11.00 21.01 -15.21
C6 CLR H . -10.85 20.42 -16.36
C7 CLR H . -11.44 20.97 -17.64
C8 CLR H . -11.65 22.47 -17.50
C9 CLR H . -12.51 22.75 -16.26
C10 CLR H . -11.78 22.28 -15.01
C11 CLR H . -12.90 24.23 -16.15
C12 CLR H . -13.52 24.78 -17.44
C13 CLR H . -12.59 24.51 -18.63
C14 CLR H . -12.42 22.96 -18.72
C15 CLR H . -11.71 22.80 -20.07
C16 CLR H . -12.44 23.82 -20.97
C17 CLR H . -13.07 24.89 -20.04
C18 CLR H . -11.22 25.11 -18.33
C19 CLR H . -10.81 23.38 -14.60
C20 CLR H . -12.60 26.29 -20.46
C21 CLR H . -13.58 27.34 -19.94
C22 CLR H . -12.56 26.37 -21.99
C23 CLR H . -12.44 27.82 -22.46
C24 CLR H . -12.34 27.86 -23.98
C25 CLR H . -13.46 28.72 -24.58
C26 CLR H . -13.15 29.00 -26.05
C27 CLR H . -14.78 27.96 -24.49
O1 CLR H . -10.73 19.76 -11.71
C1 PLM I . 16.70 20.00 -3.39
O1 PLM I . 17.38 19.51 -2.34
O2 PLM I . 16.96 19.61 -4.51
C2 PLM I . 15.62 21.03 -3.17
C3 PLM I . 15.37 21.83 -4.45
C4 PLM I . 14.22 22.81 -4.19
C5 PLM I . 13.91 23.61 -5.45
C6 PLM I . 14.75 24.88 -5.48
C7 PLM I . 13.93 26.03 -6.08
C8 PLM I . 14.80 26.82 -7.05
C9 PLM I . 13.92 27.80 -7.81
CA PLM I . 14.59 28.18 -9.13
CB PLM I . 13.57 28.86 -10.05
CC PLM I . 14.24 29.19 -11.38
CD PLM I . 13.42 30.25 -12.12
CE PLM I . 14.21 30.71 -13.36
CF PLM I . 13.28 31.42 -14.33
CG PLM I . 14.05 31.77 -15.60
#